data_9MN8
#
_entry.id   9MN8
#
_cell.length_a   1.00
_cell.length_b   1.00
_cell.length_c   1.00
_cell.angle_alpha   90.00
_cell.angle_beta   90.00
_cell.angle_gamma   90.00
#
_symmetry.space_group_name_H-M   'P 1'
#
loop_
_entity.id
_entity.type
_entity.pdbx_description
1 polymer 'DNA-directed RNA polymerase, mitochondrial'
2 polymer 'Non-Template Strand DNA'
3 polymer 'Template Strand DNA'
4 polymer RNA
5 non-polymer "ADENOSINE-5'-TRIPHOSPHATE"
6 non-polymer 'MAGNESIUM ION'
#
loop_
_entity_poly.entity_id
_entity_poly.type
_entity_poly.pdbx_seq_one_letter_code
_entity_poly.pdbx_strand_id
1 'polypeptide(L)'
;MSALCWGRGAAGLKRALRPCGRPGLPGKEGTAGGVCGPRRSSSASPQEQDQDRRKDWGHVELLEVLQARVRQLQAESVSE
VVVNRVDVARLPECGSGDGSLQPPRKVQMGAKDATPVPCGRWAKILEKDKRTQQMRMQRLKAKLQMPFQSGEFKALTRRL
QVEPRLLSKQMAGCLEDCTRQAPESPWEEQLARLLQEAPGKLSLDVEQAPSGQHSQAQLSGQQQRLLAFFKCCLLTDQLP
LAHHLLVVHHGQRQKRKLLTLDMYNAVMLGWARQGAFKELVYVLFMVKDAGLTPDLLSYAAALQCMGRQDQDAGTIERCL
EQMSQEGLKLQALFTAVLLSEEDRATVLKAVHKVKPTFSLPPQLPPPVNTSKLLRDVYAKDGRVSYPKLHLPLKTLQCLF
EKQLHMELASRVCVVSVEKPTLPSKEVKHARKTLKTLRDQWEKALCRALRETKNRLEREVYEGRFSLYPFLCLLDEREVV
RMLLQVLQALPAQGESFTTLARELSARTFSRHVVQRQRVSGQVQALQNHYRKYLCLLASDAEVPEPCLPRQYWEELGAPE
ALREQPWPLPVQMELGKLLAEMLVQATQMPCSLDKPHRSSRLVPVLYHVYSFRNVQQIGILKPHPAYVQLLEKAAEPTLT
FEAVDVPMLCPPLPWTSPHSGAFLLSPTKLMRTVEGATQHQELLETCPPTALHGALDALTQLGNCAWRVNGRVLDLVLQL
FQAKGCPQLGVPAPPSEAPQPPEAHLPHSAAPARKAELRRELAHCQKVAREMHSLRAEALYRLSLAQHLRDRVFWLPHNM
DFRGRTYPCPPHFNHLGSDVARALLEFAQGRPLGPHGLDWLKIHLVNLTGLKKREPLRKRLAFAEEVMDDILDSADQPLT
GRKWWMGAEEPWQTLACCMEVANAVRASDPAAYVSHLPVHQDGSCNGLQHYAALGRDSVGAASVNLEPSDVPQDVYSGVA
AQVEVFRRQDAQRGMRVAQVLEGFITRKVVKQTVMTVVYGVTRYGGRLQIEKRLRELSDFPQEFVWEASHYLVRQVFKSL
QEMFSGTRAIQHWLTESARLISHMGSVVEWVTPLGVPVIQPYRLDSKVKQIGGGIQSITYTHNGDISRKPNTRKQKNGFP
PNFIHSLDSSHMMLTALHCYRKGLTFVSVHDCYWTHAADVSVMNQVCREQFVRLHSEPILQDLSRFLVKRFCSEPQKILE
ASQLKETLQAVPKPGAFDLEQVKRSTYFFS
;
E
2 'polydeoxyribonucleotide'
;(DG)(DT)(DG)(DT)(DT)(DA)(DG)(DT)(DT)(DA)(DG)(DG)(DG)(DA)(DG)(DT)(DG)(DA)(DC)(DT)
(DG)(DT)(DT)(DA)(DA)(DA)(DA)(DG)(DT)(DG)(DC)(DA)(DT)(DA)(DC)(DC)(DG)(DC)(DC)(DA)
(DA)(DG)(DA)(DG)(DA)(DA)(DA)(DA)(DG)(DA)(DA)(DA)(DA)(DC)(DC)(DC)(DA)(DA)(DT)(DT)
(DG)(DT)(DG)(DG)(DC)(DC)
;
N
3 'polydeoxyribonucleotide'
;(DG)(DG)(DC)(DC)(DA)(DC)(DA)(DA)(DT)(DT)(DG)(DG)(DG)(DT)(DT)(DT)(DT)(DC)(DT)(DT)
(DT)(DT)(DC)(DT)(DC)(DT)(DT)(DG)(DG)(DC)(DG)(DG)(DT)(DA)(DT)(DG)(DC)(DA)(DC)(DT)
(DT)(DT)(DT)(DA)(DA)(DC)(DA)(DG)(DT)(DC)(DA)(DC)(DT)(DC)(DC)(DC)(DT)(DA)(DA)(DC)
(DT)(DA)(DA)(DC)(DA)(DC)
;
T
4 'polyribonucleotide' GAGAAAAG R
#
loop_
_chem_comp.id
_chem_comp.type
_chem_comp.name
_chem_comp.formula
A RNA linking ADENOSINE-5'-MONOPHOSPHATE 'C10 H14 N5 O7 P'
ATP non-polymer ADENOSINE-5'-TRIPHOSPHATE 'C10 H16 N5 O13 P3'
DA DNA linking 2'-DEOXYADENOSINE-5'-MONOPHOSPHATE 'C10 H14 N5 O6 P'
DC DNA linking 2'-DEOXYCYTIDINE-5'-MONOPHOSPHATE 'C9 H14 N3 O7 P'
DG DNA linking 2'-DEOXYGUANOSINE-5'-MONOPHOSPHATE 'C10 H14 N5 O7 P'
DT DNA linking THYMIDINE-5'-MONOPHOSPHATE 'C10 H15 N2 O8 P'
G RNA linking GUANOSINE-5'-MONOPHOSPHATE 'C10 H14 N5 O8 P'
MG non-polymer 'MAGNESIUM ION' 'Mg 2'
#
# COMPACT_ATOMS: atom_id res chain seq x y z
N GLN A 218 24.56 11.07 -16.03
CA GLN A 218 25.23 12.30 -15.62
C GLN A 218 26.59 11.99 -15.00
N LEU A 219 26.60 11.76 -13.69
CA LEU A 219 27.82 11.40 -12.99
C LEU A 219 28.23 9.97 -13.34
N SER A 220 29.53 9.69 -13.20
CA SER A 220 30.05 8.37 -13.52
C SER A 220 29.58 7.35 -12.48
N GLY A 221 29.50 6.09 -12.91
CA GLY A 221 29.05 5.04 -12.02
C GLY A 221 30.00 4.79 -10.87
N GLN A 222 31.30 4.92 -11.13
CA GLN A 222 32.30 4.77 -10.07
C GLN A 222 32.20 5.91 -9.05
N GLN A 223 31.75 7.09 -9.46
CA GLN A 223 31.57 8.19 -8.52
C GLN A 223 30.47 7.87 -7.51
N GLN A 224 29.32 7.40 -7.99
CA GLN A 224 28.24 6.99 -7.10
C GLN A 224 28.65 5.79 -6.26
N ARG A 225 29.45 4.90 -6.84
CA ARG A 225 29.89 3.70 -6.14
C ARG A 225 30.79 4.03 -4.96
N LEU A 226 31.79 4.88 -5.18
CA LEU A 226 32.62 5.32 -4.06
C LEU A 226 31.89 6.27 -3.12
N LEU A 227 30.89 7.03 -3.60
CA LEU A 227 30.08 7.82 -2.68
C LEU A 227 29.29 6.94 -1.73
N ALA A 228 28.72 5.85 -2.25
CA ALA A 228 28.07 4.86 -1.41
C ALA A 228 29.05 4.21 -0.46
N PHE A 229 30.27 3.96 -0.93
CA PHE A 229 31.32 3.39 -0.09
C PHE A 229 31.62 4.29 1.10
N PHE A 230 31.87 5.58 0.85
CA PHE A 230 32.22 6.50 1.93
C PHE A 230 31.06 6.75 2.86
N LYS A 231 29.84 6.79 2.33
CA LYS A 231 28.67 6.95 3.19
C LYS A 231 28.49 5.74 4.12
N CYS A 232 28.66 4.52 3.58
CA CYS A 232 28.55 3.35 4.44
C CYS A 232 29.72 3.23 5.40
N CYS A 233 30.90 3.77 5.03
CA CYS A 233 31.99 3.82 5.99
C CYS A 233 31.70 4.81 7.11
N LEU A 234 30.97 5.89 6.80
CA LEU A 234 30.50 6.76 7.88
C LEU A 234 29.51 6.04 8.77
N LEU A 235 28.61 5.25 8.18
CA LEU A 235 27.52 4.67 8.95
C LEU A 235 27.97 3.46 9.77
N THR A 236 29.17 2.93 9.52
CA THR A 236 29.64 1.71 10.18
C THR A 236 31.00 1.89 10.85
N ASP A 237 31.19 3.00 11.56
CA ASP A 237 32.45 3.34 12.26
C ASP A 237 33.54 3.44 11.21
N GLN A 238 34.48 2.48 11.13
CA GLN A 238 35.34 2.15 9.95
C GLN A 238 35.84 3.37 9.18
N LEU A 239 36.18 4.42 9.89
CA LEU A 239 36.63 5.65 9.25
C LEU A 239 38.09 5.63 8.78
N PRO A 240 39.05 4.98 9.47
CA PRO A 240 40.39 4.85 8.86
C PRO A 240 40.41 4.09 7.54
N LEU A 241 39.43 3.23 7.27
CA LEU A 241 39.33 2.63 5.94
C LEU A 241 39.06 3.70 4.89
N ALA A 242 38.14 4.61 5.21
CA ALA A 242 37.81 5.70 4.30
C ALA A 242 38.98 6.65 4.13
N HIS A 243 39.70 6.94 5.23
CA HIS A 243 40.88 7.79 5.13
C HIS A 243 41.97 7.13 4.30
N HIS A 244 42.15 5.81 4.46
CA HIS A 244 43.13 5.08 3.67
C HIS A 244 42.77 5.10 2.19
N LEU A 245 41.50 4.88 1.87
CA LEU A 245 41.09 4.89 0.46
C LEU A 245 41.21 6.28 -0.13
N LEU A 246 40.89 7.30 0.68
CA LEU A 246 41.05 8.68 0.25
C LEU A 246 42.51 9.00 -0.04
N VAL A 247 43.42 8.52 0.81
CA VAL A 247 44.84 8.76 0.62
C VAL A 247 45.34 8.08 -0.66
N VAL A 248 44.91 6.82 -0.87
CA VAL A 248 45.35 6.09 -2.06
C VAL A 248 44.83 6.72 -3.33
N HIS A 249 43.55 7.15 -3.34
CA HIS A 249 43.04 7.86 -4.51
C HIS A 249 43.71 9.22 -4.69
N HIS A 250 44.05 9.89 -3.59
CA HIS A 250 44.68 11.20 -3.67
C HIS A 250 46.09 11.11 -4.22
N GLY A 251 46.76 9.97 -4.01
CA GLY A 251 48.09 9.79 -4.57
C GLY A 251 48.11 9.71 -6.09
N GLN A 252 47.18 8.95 -6.67
CA GLN A 252 47.20 8.71 -8.11
C GLN A 252 46.41 9.78 -8.84
N ARG A 253 46.99 10.29 -9.94
CA ARG A 253 46.38 11.42 -10.64
C ARG A 253 45.08 11.02 -11.33
N GLN A 254 45.04 9.83 -11.93
CA GLN A 254 43.79 9.34 -12.51
C GLN A 254 42.77 9.08 -11.41
N LYS A 255 43.22 8.58 -10.26
CA LYS A 255 42.30 8.29 -9.17
C LYS A 255 41.87 9.55 -8.44
N ARG A 256 42.74 10.56 -8.35
CA ARG A 256 42.37 11.80 -7.67
C ARG A 256 41.43 12.64 -8.51
N LYS A 257 41.31 12.36 -9.81
CA LYS A 257 40.25 12.97 -10.58
C LYS A 257 38.94 12.21 -10.34
N LEU A 258 37.85 12.84 -10.78
CA LEU A 258 36.47 12.36 -10.75
C LEU A 258 35.89 12.23 -9.33
N LEU A 259 36.59 12.64 -8.28
CA LEU A 259 35.95 12.77 -6.97
C LEU A 259 35.22 14.11 -6.91
N THR A 260 33.97 14.06 -6.44
CA THR A 260 33.26 15.29 -6.16
C THR A 260 33.68 15.82 -4.80
N LEU A 261 33.17 17.00 -4.46
CA LEU A 261 33.41 17.57 -3.14
C LEU A 261 32.70 16.76 -2.05
N ASP A 262 31.64 16.04 -2.43
CA ASP A 262 30.79 15.38 -1.44
C ASP A 262 31.49 14.25 -0.69
N MET A 263 32.43 13.53 -1.33
CA MET A 263 33.12 12.45 -0.62
C MET A 263 34.12 12.99 0.41
N TYR A 264 34.89 14.01 0.03
CA TYR A 264 35.70 14.71 1.03
C TYR A 264 34.83 15.34 2.10
N ASN A 265 33.63 15.78 1.75
CA ASN A 265 32.69 16.28 2.75
C ASN A 265 32.23 15.17 3.69
N ALA A 266 32.04 13.97 3.15
CA ALA A 266 31.64 12.83 3.98
C ALA A 266 32.71 12.50 5.00
N VAL A 267 33.96 12.42 4.54
CA VAL A 267 35.07 12.16 5.45
C VAL A 267 35.26 13.33 6.42
N MET A 268 34.94 14.55 5.96
CA MET A 268 34.90 15.75 6.80
C MET A 268 33.95 15.57 7.99
N LEU A 269 32.68 15.24 7.73
CA LEU A 269 31.75 15.07 8.84
C LEU A 269 32.08 13.85 9.68
N GLY A 270 32.68 12.81 9.08
CA GLY A 270 33.04 11.64 9.86
C GLY A 270 34.12 11.90 10.89
N TRP A 271 35.22 12.55 10.46
CA TRP A 271 36.22 12.95 11.44
C TRP A 271 35.68 14.03 12.37
N ALA A 272 34.61 14.74 11.97
CA ALA A 272 33.92 15.60 12.91
C ALA A 272 33.19 14.81 13.99
N ARG A 273 32.55 13.68 13.62
CA ARG A 273 31.91 12.84 14.65
C ARG A 273 32.94 12.28 15.61
N GLN A 274 34.07 11.79 15.10
CA GLN A 274 35.09 11.32 16.03
C GLN A 274 35.77 12.48 16.73
N GLY A 275 35.80 13.65 16.11
CA GLY A 275 36.44 14.80 16.69
C GLY A 275 37.95 14.81 16.60
N ALA A 276 38.54 13.96 15.77
CA ALA A 276 39.98 13.94 15.58
C ALA A 276 40.35 15.20 14.82
N PHE A 277 41.04 16.11 15.53
CA PHE A 277 41.27 17.45 14.98
C PHE A 277 42.35 17.41 13.90
N LYS A 278 43.43 16.66 14.15
CA LYS A 278 44.56 16.63 13.22
C LYS A 278 44.17 16.01 11.88
N GLU A 279 43.46 14.89 11.93
CA GLU A 279 43.02 14.22 10.72
C GLU A 279 42.04 15.07 9.93
N LEU A 280 41.22 15.84 10.65
CA LEU A 280 40.22 16.63 9.95
C LEU A 280 40.86 17.86 9.31
N VAL A 281 41.89 18.40 9.96
CA VAL A 281 42.68 19.47 9.35
C VAL A 281 43.44 18.94 8.13
N TYR A 282 43.87 17.67 8.19
CA TYR A 282 44.49 17.04 7.02
C TYR A 282 43.54 17.00 5.83
N VAL A 283 42.33 16.47 6.04
CA VAL A 283 41.41 16.34 4.91
C VAL A 283 40.90 17.71 4.47
N LEU A 284 40.82 18.67 5.40
CA LEU A 284 40.45 20.05 5.04
C LEU A 284 41.52 20.69 4.17
N PHE A 285 42.79 20.41 4.47
CA PHE A 285 43.88 20.87 3.61
C PHE A 285 43.81 20.20 2.24
N MET A 286 43.39 18.95 2.22
CA MET A 286 43.23 18.23 0.95
C MET A 286 42.05 18.74 0.13
N VAL A 287 41.08 19.40 0.78
CA VAL A 287 39.94 19.97 0.04
C VAL A 287 40.41 21.05 -0.93
N LYS A 288 41.30 21.95 -0.48
CA LYS A 288 41.70 23.09 -1.30
C LYS A 288 42.46 22.66 -2.55
N ASP A 289 43.19 21.56 -2.47
CA ASP A 289 43.85 21.01 -3.65
C ASP A 289 42.80 20.45 -4.62
N ALA A 290 43.17 20.42 -5.90
CA ALA A 290 42.33 20.02 -7.02
C ALA A 290 41.07 20.87 -7.15
N GLY A 291 41.13 22.14 -6.76
CA GLY A 291 40.09 23.11 -7.05
C GLY A 291 38.74 22.88 -6.41
N LEU A 292 38.70 22.57 -5.12
CA LEU A 292 37.46 22.45 -4.39
C LEU A 292 37.44 23.47 -3.26
N THR A 293 36.48 24.39 -3.32
CA THR A 293 36.25 25.34 -2.25
C THR A 293 35.30 24.72 -1.24
N PRO A 294 35.48 24.98 0.06
CA PRO A 294 34.59 24.38 1.06
C PRO A 294 33.15 24.85 0.91
N ASP A 295 32.22 23.90 0.94
CA ASP A 295 30.80 24.17 0.85
C ASP A 295 30.33 24.52 2.28
N LEU A 296 29.03 24.81 2.42
CA LEU A 296 28.48 25.20 3.72
C LEU A 296 28.68 24.13 4.78
N LEU A 297 28.41 22.87 4.44
CA LEU A 297 28.48 21.81 5.44
C LEU A 297 29.92 21.46 5.78
N SER A 298 30.86 21.74 4.87
CA SER A 298 32.28 21.60 5.19
C SER A 298 32.67 22.56 6.31
N TYR A 299 32.22 23.82 6.19
CA TYR A 299 32.37 24.78 7.27
C TYR A 299 31.61 24.34 8.52
N ALA A 300 30.46 23.67 8.36
CA ALA A 300 29.69 23.22 9.51
C ALA A 300 30.45 22.15 10.28
N ALA A 301 31.05 21.20 9.58
CA ALA A 301 31.85 20.17 10.25
C ALA A 301 33.12 20.76 10.83
N ALA A 302 33.67 21.79 10.18
CA ALA A 302 34.81 22.51 10.75
C ALA A 302 34.42 23.20 12.06
N LEU A 303 33.26 23.86 12.08
CA LEU A 303 32.75 24.46 13.32
C LEU A 303 32.50 23.40 14.37
N GLN A 304 32.02 22.24 13.94
CA GLN A 304 31.76 21.13 14.85
C GLN A 304 33.04 20.63 15.52
N CYS A 305 34.13 20.52 14.77
CA CYS A 305 35.37 20.06 15.39
C CYS A 305 36.05 21.16 16.20
N MET A 306 35.97 22.42 15.74
CA MET A 306 36.51 23.53 16.53
C MET A 306 35.77 23.70 17.84
N GLY A 307 34.48 23.39 17.87
CA GLY A 307 33.73 23.48 19.10
C GLY A 307 33.80 22.22 19.92
N ARG A 308 34.19 21.12 19.29
CA ARG A 308 34.38 19.88 20.05
C ARG A 308 35.62 19.98 20.94
N GLN A 309 36.59 20.79 20.53
CA GLN A 309 37.66 21.25 21.40
C GLN A 309 37.38 22.69 21.81
N ASP A 310 38.36 23.30 22.47
CA ASP A 310 38.30 24.72 22.81
C ASP A 310 39.20 25.55 21.88
N GLN A 311 39.34 25.12 20.63
CA GLN A 311 40.36 25.71 19.76
C GLN A 311 39.90 27.04 19.18
N ASP A 312 40.89 27.87 18.83
CA ASP A 312 40.70 29.18 18.19
C ASP A 312 39.84 30.11 19.04
N ALA A 313 40.01 30.01 20.37
CA ALA A 313 39.20 30.70 21.37
C ALA A 313 37.71 30.46 21.13
N GLY A 314 37.37 29.23 20.76
CA GLY A 314 36.05 28.95 20.25
C GLY A 314 35.84 29.46 18.84
N THR A 315 36.54 28.89 17.87
CA THR A 315 36.37 28.89 16.39
C THR A 315 36.37 30.25 15.68
N ILE A 316 36.58 31.38 16.36
CA ILE A 316 36.49 32.65 15.64
C ILE A 316 37.83 33.08 15.05
N GLU A 317 38.95 32.51 15.52
CA GLU A 317 40.27 33.06 15.21
C GLU A 317 40.59 32.99 13.71
N ARG A 318 40.21 31.89 13.07
CA ARG A 318 40.34 31.85 11.62
C ARG A 318 39.07 31.39 10.93
N CYS A 319 38.30 30.50 11.56
CA CYS A 319 37.22 29.81 10.87
C CYS A 319 36.04 30.73 10.59
N LEU A 320 35.62 31.52 11.58
CA LEU A 320 34.48 32.41 11.35
C LEU A 320 34.87 33.63 10.54
N GLU A 321 36.13 34.07 10.61
CA GLU A 321 36.60 35.14 9.75
C GLU A 321 36.58 34.71 8.29
N GLN A 322 37.04 33.49 8.01
CA GLN A 322 36.97 32.94 6.65
C GLN A 322 35.52 32.66 6.27
N MET A 323 34.67 32.34 7.24
CA MET A 323 33.25 32.13 7.00
C MET A 323 32.57 33.40 6.53
N SER A 324 32.89 34.53 7.18
CA SER A 324 32.36 35.82 6.74
C SER A 324 33.00 36.27 5.43
N GLN A 325 34.27 35.93 5.22
CA GLN A 325 34.98 36.36 4.02
C GLN A 325 34.47 35.61 2.79
N GLU A 326 34.08 34.34 2.96
CA GLU A 326 33.65 33.52 1.84
C GLU A 326 32.33 33.99 1.25
N GLY A 327 31.50 34.68 2.02
CA GLY A 327 30.23 35.13 1.53
C GLY A 327 29.13 34.10 1.63
N LEU A 328 29.37 33.01 2.35
CA LEU A 328 28.38 31.98 2.60
C LEU A 328 27.62 32.36 3.86
N LYS A 329 26.29 32.40 3.76
CA LYS A 329 25.47 32.82 4.90
C LYS A 329 25.40 31.70 5.93
N LEU A 330 25.62 32.07 7.19
CA LEU A 330 25.54 31.09 8.28
C LEU A 330 24.08 30.73 8.58
N GLN A 331 23.16 31.66 8.33
CA GLN A 331 21.73 31.35 8.35
C GLN A 331 21.39 30.30 7.30
N ALA A 332 21.99 30.41 6.11
CA ALA A 332 21.78 29.41 5.07
C ALA A 332 22.37 28.07 5.46
N LEU A 333 23.43 28.09 6.28
CA LEU A 333 23.96 26.85 6.83
C LEU A 333 22.97 26.20 7.79
N PHE A 334 22.39 27.00 8.69
CA PHE A 334 21.47 26.41 9.66
C PHE A 334 20.12 26.06 9.07
N THR A 335 19.79 26.58 7.88
CA THR A 335 18.47 26.35 7.31
C THR A 335 18.49 25.52 6.04
N ALA A 336 19.25 25.95 5.02
CA ALA A 336 19.11 25.37 3.69
C ALA A 336 19.73 23.97 3.61
N VAL A 337 20.92 23.80 4.17
CA VAL A 337 21.68 22.56 4.01
C VAL A 337 21.33 21.62 5.16
N LEU A 338 20.99 20.38 4.81
CA LEU A 338 20.58 19.39 5.82
C LEU A 338 21.77 18.95 6.65
N LEU A 339 21.63 19.02 7.98
CA LEU A 339 22.64 18.58 8.92
C LEU A 339 22.02 17.65 9.95
N SER A 340 22.86 16.81 10.54
CA SER A 340 22.45 16.01 11.68
C SER A 340 22.16 16.91 12.87
N GLU A 341 21.23 16.49 13.72
CA GLU A 341 20.78 17.34 14.83
C GLU A 341 21.86 17.49 15.90
N GLU A 342 22.58 16.40 16.20
CA GLU A 342 23.67 16.50 17.17
C GLU A 342 24.82 17.35 16.63
N ASP A 343 25.12 17.20 15.33
CA ASP A 343 26.11 18.06 14.69
C ASP A 343 25.67 19.51 14.71
N ARG A 344 24.36 19.74 14.49
CA ARG A 344 23.83 21.10 14.50
C ARG A 344 23.94 21.72 15.89
N ALA A 345 23.70 20.91 16.93
CA ALA A 345 23.85 21.39 18.30
C ALA A 345 25.30 21.67 18.64
N THR A 346 26.23 20.87 18.11
CA THR A 346 27.65 21.13 18.34
C THR A 346 28.09 22.41 17.65
N VAL A 347 27.57 22.68 16.44
CA VAL A 347 27.84 23.95 15.77
C VAL A 347 27.25 25.12 16.56
N LEU A 348 26.05 24.92 17.13
CA LEU A 348 25.47 25.94 18.01
C LEU A 348 26.36 26.22 19.21
N LYS A 349 26.91 25.17 19.83
CA LYS A 349 27.82 25.37 20.96
C LYS A 349 29.10 26.10 20.52
N ALA A 350 29.61 25.77 19.34
CA ALA A 350 30.81 26.43 18.83
C ALA A 350 30.58 27.91 18.55
N VAL A 351 29.41 28.26 18.02
CA VAL A 351 29.15 29.62 17.56
C VAL A 351 28.37 30.29 18.69
N HIS A 352 28.30 29.63 19.84
CA HIS A 352 27.85 30.28 21.07
C HIS A 352 28.94 30.49 22.11
N LYS A 353 30.07 29.78 22.00
CA LYS A 353 31.23 30.12 22.83
C LYS A 353 31.76 31.51 22.51
N VAL A 354 31.80 31.87 21.22
CA VAL A 354 31.99 33.26 20.85
C VAL A 354 30.73 33.65 20.10
N LYS A 355 30.50 34.95 19.93
CA LYS A 355 29.32 35.51 19.29
C LYS A 355 28.03 34.98 19.94
N PRO A 356 27.70 35.43 21.15
CA PRO A 356 26.42 35.01 21.75
C PRO A 356 25.24 35.78 21.19
N THR A 357 25.47 36.83 20.39
CA THR A 357 24.37 37.60 19.82
C THR A 357 23.67 36.82 18.70
N PHE A 358 24.28 35.76 18.19
CA PHE A 358 23.59 34.90 17.26
C PHE A 358 22.56 34.04 17.98
N SER A 359 21.36 33.99 17.41
CA SER A 359 20.30 33.11 17.87
C SER A 359 19.63 32.49 16.65
N LEU A 360 19.04 31.31 16.85
CA LEU A 360 18.33 30.65 15.76
C LEU A 360 17.07 31.44 15.41
N PRO A 361 16.72 31.52 14.13
CA PRO A 361 15.47 32.19 13.75
C PRO A 361 14.28 31.43 14.29
N PRO A 362 13.30 32.13 14.87
CA PRO A 362 12.16 31.43 15.48
C PRO A 362 11.24 30.86 14.41
N GLN A 363 11.07 29.55 14.43
CA GLN A 363 10.21 28.89 13.47
C GLN A 363 8.75 29.26 13.71
N LEU A 364 8.04 29.54 12.63
CA LEU A 364 6.67 30.01 12.69
C LEU A 364 5.72 28.89 13.09
N PRO A 365 4.52 29.24 13.56
CA PRO A 365 3.49 28.22 13.74
C PRO A 365 3.15 27.58 12.41
N PRO A 366 2.78 26.29 12.42
CA PRO A 366 2.58 25.58 11.16
C PRO A 366 1.39 26.11 10.40
N PRO A 367 1.43 26.11 9.08
CA PRO A 367 0.34 26.72 8.31
C PRO A 367 -0.91 25.85 8.32
N VAL A 368 -2.06 26.51 8.19
CA VAL A 368 -3.37 25.88 8.22
C VAL A 368 -4.02 26.13 6.87
N ASN A 369 -4.52 25.06 6.25
CA ASN A 369 -4.94 25.13 4.85
C ASN A 369 -6.24 25.92 4.72
N THR A 370 -6.31 26.74 3.67
CA THR A 370 -7.38 27.70 3.50
C THR A 370 -8.22 27.47 2.25
N SER A 371 -8.26 26.23 1.74
CA SER A 371 -9.08 25.94 0.57
C SER A 371 -10.56 25.94 0.94
N LYS A 372 -11.41 26.05 -0.08
CA LYS A 372 -12.85 26.18 0.16
C LYS A 372 -13.45 24.89 0.69
N LEU A 373 -13.07 23.75 0.11
CA LEU A 373 -13.53 22.47 0.63
C LEU A 373 -12.93 22.15 1.98
N LEU A 374 -11.73 22.64 2.24
CA LEU A 374 -10.99 22.30 3.45
C LEU A 374 -11.01 23.41 4.49
N ARG A 375 -11.88 24.40 4.34
CA ARG A 375 -11.99 25.45 5.35
C ARG A 375 -12.64 24.92 6.62
N ASP A 376 -13.68 24.11 6.48
CA ASP A 376 -14.46 23.68 7.64
C ASP A 376 -13.65 22.74 8.53
N VAL A 377 -12.84 21.87 7.93
CA VAL A 377 -12.07 20.92 8.72
C VAL A 377 -10.92 21.63 9.43
N TYR A 378 -10.47 22.76 8.89
CA TYR A 378 -9.33 23.49 9.42
C TYR A 378 -9.72 24.82 10.03
N ALA A 379 -11.01 25.02 10.29
CA ALA A 379 -11.46 26.20 11.02
C ALA A 379 -11.30 25.96 12.52
N LYS A 380 -10.65 26.91 13.20
CA LYS A 380 -10.34 26.72 14.61
C LYS A 380 -11.58 26.81 15.48
N ASP A 381 -12.52 27.69 15.14
CA ASP A 381 -13.72 27.94 15.94
C ASP A 381 -14.88 27.10 15.42
N GLY A 382 -15.09 25.94 16.04
CA GLY A 382 -16.18 25.07 15.67
C GLY A 382 -16.42 24.02 16.73
N ARG A 383 -17.63 23.47 16.71
CA ARG A 383 -18.02 22.42 17.65
C ARG A 383 -17.57 21.08 17.08
N VAL A 384 -16.50 20.52 17.64
CA VAL A 384 -15.95 19.26 17.16
C VAL A 384 -16.06 18.21 18.26
N SER A 385 -16.15 16.95 17.83
CA SER A 385 -16.16 15.79 18.70
C SER A 385 -15.31 14.73 18.04
N TYR A 386 -14.03 14.73 18.33
CA TYR A 386 -13.13 13.76 17.74
C TYR A 386 -13.22 12.43 18.49
N PRO A 387 -13.26 11.30 17.78
CA PRO A 387 -13.38 10.01 18.47
C PRO A 387 -12.08 9.60 19.13
N LYS A 388 -12.23 8.86 20.22
CA LYS A 388 -11.10 8.34 20.97
C LYS A 388 -11.16 6.81 20.97
N LEU A 389 -9.99 6.19 21.03
CA LEU A 389 -9.91 4.73 21.03
C LEU A 389 -10.45 4.18 22.33
N HIS A 390 -10.75 2.89 22.34
CA HIS A 390 -11.28 2.21 23.51
C HIS A 390 -10.18 1.66 24.40
N LEU A 391 -8.92 1.89 24.04
CA LEU A 391 -7.77 1.31 24.71
C LEU A 391 -7.06 2.38 25.52
N PRO A 392 -6.63 2.09 26.75
CA PRO A 392 -5.98 3.11 27.58
C PRO A 392 -4.56 3.39 27.13
N LEU A 393 -3.94 4.35 27.81
CA LEU A 393 -2.61 4.81 27.43
C LEU A 393 -1.55 3.74 27.65
N LYS A 394 -1.61 3.04 28.79
CA LYS A 394 -0.60 2.03 29.10
C LYS A 394 -0.71 0.82 28.17
N THR A 395 -1.94 0.42 27.83
CA THR A 395 -2.14 -0.67 26.87
C THR A 395 -1.58 -0.31 25.51
N LEU A 396 -1.84 0.92 25.05
CA LEU A 396 -1.33 1.36 23.75
C LEU A 396 0.19 1.48 23.76
N GLN A 397 0.77 1.84 24.90
CA GLN A 397 2.22 1.89 25.02
C GLN A 397 2.83 0.50 24.96
N CYS A 398 2.19 -0.48 25.61
CA CYS A 398 2.67 -1.87 25.54
C CYS A 398 2.55 -2.42 24.12
N LEU A 399 1.47 -2.09 23.42
CA LEU A 399 1.34 -2.53 22.04
C LEU A 399 2.36 -1.84 21.13
N PHE A 400 2.72 -0.60 21.45
CA PHE A 400 3.83 0.06 20.76
C PHE A 400 5.12 -0.71 20.95
N GLU A 401 5.38 -1.18 22.18
CA GLU A 401 6.58 -1.97 22.44
C GLU A 401 6.56 -3.28 21.68
N LYS A 402 5.39 -3.94 21.61
CA LYS A 402 5.27 -5.19 20.87
C LYS A 402 5.52 -4.98 19.38
N GLN A 403 4.97 -3.90 18.82
CA GLN A 403 5.20 -3.60 17.40
C GLN A 403 6.66 -3.28 17.14
N LEU A 404 7.31 -2.56 18.05
CA LEU A 404 8.73 -2.25 17.90
C LEU A 404 9.57 -3.51 17.89
N HIS A 405 9.28 -4.45 18.80
CA HIS A 405 10.01 -5.71 18.83
C HIS A 405 9.72 -6.54 17.59
N MET A 406 8.50 -6.47 17.06
CA MET A 406 8.15 -7.24 15.88
C MET A 406 8.77 -6.64 14.63
N GLU A 407 9.10 -5.36 14.66
CA GLU A 407 9.77 -4.74 13.52
C GLU A 407 11.28 -4.80 13.58
N LEU A 408 11.87 -4.85 14.78
CA LEU A 408 13.32 -5.03 14.86
C LEU A 408 13.72 -6.43 14.42
N ALA A 409 12.98 -7.45 14.85
CA ALA A 409 13.13 -8.80 14.32
C ALA A 409 12.34 -8.88 13.02
N SER A 410 13.05 -8.87 11.89
CA SER A 410 12.46 -8.55 10.60
C SER A 410 11.45 -9.56 10.08
N ARG A 411 11.32 -10.73 10.73
CA ARG A 411 10.35 -11.73 10.31
C ARG A 411 9.57 -12.25 11.51
N VAL A 412 8.34 -12.72 11.24
CA VAL A 412 7.43 -13.25 12.23
C VAL A 412 7.09 -14.69 11.83
N CYS A 413 7.00 -15.58 12.81
CA CYS A 413 6.66 -16.97 12.57
C CYS A 413 5.25 -17.26 13.06
N VAL A 414 4.44 -17.90 12.21
CA VAL A 414 3.06 -18.24 12.54
C VAL A 414 2.87 -19.74 12.40
N VAL A 415 1.90 -20.27 13.15
CA VAL A 415 1.56 -21.69 13.08
C VAL A 415 0.63 -21.91 11.90
N SER A 416 0.82 -23.02 11.18
CA SER A 416 -0.10 -23.42 10.14
C SER A 416 -1.48 -23.70 10.74
N VAL A 417 -2.52 -23.42 9.97
CA VAL A 417 -3.87 -23.83 10.36
C VAL A 417 -4.18 -25.25 9.89
N GLU A 418 -3.18 -25.95 9.36
CA GLU A 418 -3.36 -27.28 8.82
C GLU A 418 -3.58 -28.29 9.93
N LYS A 419 -4.01 -29.49 9.54
CA LYS A 419 -4.02 -30.60 10.49
C LYS A 419 -2.60 -31.05 10.76
N PRO A 420 -2.15 -31.07 12.01
CA PRO A 420 -0.79 -31.48 12.32
C PRO A 420 -0.60 -32.98 12.15
N THR A 421 0.65 -33.36 11.93
CA THR A 421 1.05 -34.75 11.74
C THR A 421 1.58 -35.28 13.07
N LEU A 422 1.03 -36.42 13.51
CA LEU A 422 1.49 -37.05 14.73
C LEU A 422 2.91 -37.58 14.52
N PRO A 423 3.70 -37.70 15.60
CA PRO A 423 5.09 -38.12 15.46
C PRO A 423 5.24 -39.51 14.86
N SER A 424 6.01 -39.58 13.78
CA SER A 424 6.33 -40.82 13.10
C SER A 424 7.84 -41.00 13.11
N LYS A 425 8.29 -42.19 12.71
CA LYS A 425 9.72 -42.48 12.72
C LYS A 425 10.46 -41.68 11.65
N GLU A 426 9.94 -41.73 10.41
CA GLU A 426 10.61 -41.05 9.31
C GLU A 426 10.48 -39.54 9.45
N VAL A 427 9.34 -39.07 9.96
CA VAL A 427 9.11 -37.62 10.07
C VAL A 427 10.06 -37.01 11.08
N LYS A 428 10.21 -37.62 12.25
CA LYS A 428 11.14 -37.07 13.23
C LYS A 428 12.59 -37.35 12.87
N HIS A 429 12.86 -38.44 12.14
CA HIS A 429 14.21 -38.64 11.61
C HIS A 429 14.60 -37.53 10.64
N ALA A 430 13.68 -37.16 9.73
CA ALA A 430 13.91 -36.02 8.85
C ALA A 430 13.99 -34.71 9.63
N ARG A 431 13.19 -34.58 10.67
CA ARG A 431 13.17 -33.36 11.49
C ARG A 431 14.50 -33.14 12.18
N LYS A 432 15.11 -34.21 12.70
CA LYS A 432 16.44 -34.10 13.29
C LYS A 432 17.55 -34.15 12.26
N THR A 433 17.28 -34.58 11.02
CA THR A 433 18.28 -34.47 9.97
C THR A 433 18.44 -33.03 9.49
N LEU A 434 17.32 -32.33 9.28
CA LEU A 434 17.37 -30.94 8.84
C LEU A 434 18.02 -30.02 9.86
N LYS A 435 17.82 -30.29 11.16
CA LYS A 435 18.43 -29.44 12.17
C LYS A 435 19.96 -29.53 12.12
N THR A 436 20.48 -30.76 11.94
CA THR A 436 21.91 -30.95 11.81
C THR A 436 22.44 -30.29 10.54
N LEU A 437 21.73 -30.46 9.42
CA LEU A 437 22.19 -29.86 8.16
C LEU A 437 22.14 -28.34 8.20
N ARG A 438 21.09 -27.76 8.82
CA ARG A 438 21.00 -26.31 8.92
C ARG A 438 22.06 -25.74 9.86
N ASP A 439 22.37 -26.43 10.95
CA ASP A 439 23.46 -25.97 11.81
C ASP A 439 24.80 -26.08 11.10
N GLN A 440 24.97 -27.14 10.30
CA GLN A 440 26.20 -27.32 9.54
C GLN A 440 26.37 -26.21 8.50
N TRP A 441 25.29 -25.87 7.79
CA TRP A 441 25.34 -24.74 6.87
C TRP A 441 25.48 -23.40 7.61
N GLU A 442 24.97 -23.30 8.84
CA GLU A 442 25.17 -22.08 9.62
C GLU A 442 26.65 -21.84 9.91
N LYS A 443 27.34 -22.88 10.37
CA LYS A 443 28.78 -22.77 10.58
C LYS A 443 29.52 -22.55 9.27
N ALA A 444 29.05 -23.15 8.17
CA ALA A 444 29.69 -22.94 6.88
C ALA A 444 29.54 -21.51 6.41
N LEU A 445 28.37 -20.90 6.66
CA LEU A 445 28.13 -19.52 6.26
C LEU A 445 28.95 -18.55 7.11
N CYS A 446 29.08 -18.82 8.41
CA CYS A 446 29.99 -18.00 9.22
C CYS A 446 31.46 -18.21 8.89
N ARG A 447 31.83 -19.34 8.30
CA ARG A 447 33.18 -19.44 7.75
C ARG A 447 33.34 -18.59 6.49
N ALA A 448 32.40 -18.73 5.56
CA ALA A 448 32.53 -18.10 4.25
C ALA A 448 32.47 -16.58 4.34
N LEU A 449 31.59 -16.05 5.19
CA LEU A 449 31.47 -14.60 5.28
C LEU A 449 32.67 -13.98 5.99
N ARG A 450 33.29 -14.70 6.94
CA ARG A 450 34.51 -14.17 7.53
C ARG A 450 35.68 -14.25 6.57
N GLU A 451 35.75 -15.33 5.77
CA GLU A 451 36.81 -15.41 4.76
C GLU A 451 36.67 -14.30 3.72
N THR A 452 35.43 -14.04 3.27
CA THR A 452 35.28 -12.96 2.30
C THR A 452 35.39 -11.59 2.97
N LYS A 453 35.15 -11.47 4.27
CA LYS A 453 35.37 -10.21 4.96
C LYS A 453 36.86 -9.88 5.03
N ASN A 454 37.69 -10.89 5.35
CA ASN A 454 39.13 -10.68 5.29
C ASN A 454 39.59 -10.39 3.87
N ARG A 455 39.02 -11.10 2.88
CA ARG A 455 39.45 -10.91 1.50
C ARG A 455 39.04 -9.53 0.97
N LEU A 456 37.94 -8.98 1.47
CA LEU A 456 37.51 -7.66 1.04
C LEU A 456 38.21 -6.53 1.80
N GLU A 457 38.56 -6.76 3.07
CA GLU A 457 39.43 -5.84 3.79
C GLU A 457 40.80 -5.76 3.14
N ARG A 458 41.27 -6.87 2.54
CA ARG A 458 42.50 -6.83 1.77
C ARG A 458 42.39 -5.89 0.58
N GLU A 459 41.25 -5.92 -0.12
CA GLU A 459 41.07 -5.02 -1.26
C GLU A 459 40.93 -3.57 -0.80
N VAL A 460 40.36 -3.34 0.39
CA VAL A 460 40.34 -1.99 0.94
C VAL A 460 41.77 -1.50 1.20
N TYR A 461 42.57 -2.32 1.87
CA TYR A 461 43.94 -1.93 2.23
C TYR A 461 44.87 -1.86 1.04
N GLU A 462 44.54 -2.47 -0.10
CA GLU A 462 45.36 -2.35 -1.29
C GLU A 462 44.94 -1.20 -2.19
N GLY A 463 43.87 -0.46 -1.84
CA GLY A 463 43.47 0.69 -2.61
C GLY A 463 42.48 0.39 -3.70
N ARG A 464 41.52 -0.48 -3.41
CA ARG A 464 40.50 -0.88 -4.35
C ARG A 464 39.13 -0.58 -3.75
N PHE A 465 38.13 -0.38 -4.61
CA PHE A 465 36.76 -0.41 -4.13
C PHE A 465 36.47 -1.78 -3.57
N SER A 466 35.74 -1.81 -2.46
CA SER A 466 35.35 -3.07 -1.87
C SER A 466 34.01 -2.90 -1.20
N LEU A 467 33.33 -4.01 -0.99
CA LEU A 467 32.03 -4.02 -0.32
C LEU A 467 32.17 -4.34 1.15
N TYR A 468 33.33 -4.07 1.75
CA TYR A 468 33.58 -4.45 3.14
C TYR A 468 32.67 -3.75 4.15
N PRO A 469 32.43 -2.43 4.10
CA PRO A 469 31.45 -1.86 5.02
C PRO A 469 30.03 -2.33 4.78
N PHE A 470 29.72 -2.77 3.56
CA PHE A 470 28.38 -3.25 3.26
C PHE A 470 28.10 -4.57 3.95
N LEU A 471 29.12 -5.41 4.13
CA LEU A 471 28.97 -6.62 4.93
C LEU A 471 29.14 -6.35 6.41
N CYS A 472 29.74 -5.22 6.79
CA CYS A 472 29.75 -4.75 8.17
C CYS A 472 28.59 -3.82 8.47
N LEU A 473 27.67 -3.62 7.52
CA LEU A 473 26.43 -2.93 7.82
C LEU A 473 25.62 -3.69 8.86
N LEU A 474 25.63 -5.02 8.76
CA LEU A 474 24.93 -5.88 9.68
C LEU A 474 25.92 -6.84 10.33
N ASP A 475 25.51 -7.41 11.45
CA ASP A 475 26.34 -8.36 12.17
C ASP A 475 26.44 -9.67 11.38
N GLU A 476 27.38 -10.52 11.80
CA GLU A 476 27.58 -11.82 11.16
C GLU A 476 26.32 -12.67 11.29
N ARG A 477 25.72 -12.64 12.48
CA ARG A 477 24.59 -13.50 12.77
C ARG A 477 23.41 -13.17 11.87
N GLU A 478 23.01 -11.90 11.80
CA GLU A 478 21.81 -11.50 11.08
C GLU A 478 21.91 -11.81 9.59
N VAL A 479 23.12 -11.74 9.02
CA VAL A 479 23.29 -12.12 7.63
C VAL A 479 23.14 -13.63 7.46
N VAL A 480 23.72 -14.42 8.36
CA VAL A 480 23.58 -15.87 8.26
C VAL A 480 22.13 -16.30 8.45
N ARG A 481 21.43 -15.69 9.41
CA ARG A 481 20.00 -15.91 9.61
C ARG A 481 19.21 -15.54 8.36
N MET A 482 19.57 -14.43 7.69
CA MET A 482 18.88 -14.04 6.47
C MET A 482 19.06 -15.07 5.37
N LEU A 483 20.27 -15.59 5.21
CA LEU A 483 20.52 -16.59 4.17
C LEU A 483 19.77 -17.89 4.45
N LEU A 484 19.71 -18.29 5.73
CA LEU A 484 18.94 -19.48 6.10
C LEU A 484 17.44 -19.27 5.88
N GLN A 485 16.90 -18.09 6.18
CA GLN A 485 15.50 -17.83 5.92
C GLN A 485 15.19 -17.82 4.42
N VAL A 486 16.15 -17.40 3.60
CA VAL A 486 15.99 -17.49 2.15
C VAL A 486 15.91 -18.94 1.70
N LEU A 487 16.76 -19.82 2.25
CA LEU A 487 16.60 -21.25 1.95
C LEU A 487 15.26 -21.82 2.43
N GLN A 488 14.81 -21.42 3.62
CA GLN A 488 13.55 -21.94 4.13
C GLN A 488 12.37 -21.50 3.28
N ALA A 489 12.41 -20.28 2.76
CA ALA A 489 11.32 -19.73 1.97
C ALA A 489 11.40 -20.08 0.49
N LEU A 490 12.43 -20.78 0.06
CA LEU A 490 12.55 -21.11 -1.36
C LEU A 490 11.57 -22.22 -1.72
N PRO A 491 10.92 -22.12 -2.89
CA PRO A 491 10.00 -23.19 -3.32
C PRO A 491 10.76 -24.41 -3.82
N ALA A 492 9.98 -25.42 -4.23
CA ALA A 492 10.56 -26.61 -4.83
C ALA A 492 11.25 -26.30 -6.15
N GLN A 493 10.63 -25.46 -6.97
CA GLN A 493 11.27 -24.96 -8.17
C GLN A 493 12.14 -23.76 -7.80
N GLY A 494 13.37 -23.74 -8.30
CA GLY A 494 14.27 -22.66 -7.95
C GLY A 494 13.88 -21.35 -8.61
N GLU A 495 14.20 -20.25 -7.92
CA GLU A 495 13.80 -18.93 -8.37
C GLU A 495 14.94 -18.30 -9.18
N SER A 496 14.63 -17.24 -9.92
CA SER A 496 15.61 -16.56 -10.75
C SER A 496 16.76 -16.02 -9.90
N PHE A 497 17.97 -16.11 -10.47
CA PHE A 497 19.17 -15.73 -9.74
C PHE A 497 19.20 -14.24 -9.42
N THR A 498 18.82 -13.40 -10.39
CA THR A 498 18.82 -11.96 -10.17
C THR A 498 17.68 -11.55 -9.24
N THR A 499 16.58 -12.30 -9.24
CA THR A 499 15.50 -12.03 -8.32
C THR A 499 15.91 -12.36 -6.89
N LEU A 500 16.63 -13.46 -6.73
CA LEU A 500 17.19 -13.82 -5.42
C LEU A 500 18.19 -12.76 -4.96
N ALA A 501 19.00 -12.25 -5.89
CA ALA A 501 19.97 -11.22 -5.57
C ALA A 501 19.30 -9.93 -5.11
N ARG A 502 18.29 -9.45 -5.84
CA ARG A 502 17.65 -8.19 -5.48
C ARG A 502 16.87 -8.35 -4.18
N GLU A 503 16.27 -9.52 -3.96
CA GLU A 503 15.57 -9.77 -2.71
C GLU A 503 16.52 -9.75 -1.53
N LEU A 504 17.68 -10.41 -1.68
CA LEU A 504 18.67 -10.46 -0.61
C LEU A 504 19.23 -9.07 -0.29
N SER A 505 19.55 -8.29 -1.32
CA SER A 505 20.16 -7.00 -1.06
C SER A 505 19.14 -5.99 -0.54
N ALA A 506 17.88 -6.10 -0.97
CA ALA A 506 16.84 -5.26 -0.40
C ALA A 506 16.59 -5.62 1.07
N ARG A 507 16.70 -6.90 1.42
CA ARG A 507 16.58 -7.29 2.82
C ARG A 507 17.74 -6.73 3.64
N THR A 508 18.94 -6.74 3.06
CA THR A 508 20.09 -6.11 3.71
C THR A 508 19.85 -4.62 3.95
N PHE A 509 19.27 -3.93 2.96
CA PHE A 509 18.92 -2.52 3.11
C PHE A 509 17.90 -2.28 4.22
N SER A 510 16.84 -3.09 4.26
CA SER A 510 15.80 -2.90 5.27
C SER A 510 16.31 -3.19 6.67
N ARG A 511 17.11 -4.25 6.82
CA ARG A 511 17.70 -4.53 8.13
C ARG A 511 18.70 -3.48 8.53
N HIS A 512 19.40 -2.86 7.55
CA HIS A 512 20.26 -1.74 7.87
C HIS A 512 19.47 -0.54 8.36
N VAL A 513 18.32 -0.26 7.73
CA VAL A 513 17.49 0.88 8.14
C VAL A 513 16.97 0.66 9.55
N VAL A 514 16.56 -0.57 9.87
CA VAL A 514 16.11 -0.85 11.23
C VAL A 514 17.28 -0.82 12.23
N GLN A 515 18.46 -1.29 11.84
CA GLN A 515 19.61 -1.34 12.76
C GLN A 515 20.16 0.05 13.06
N ARG A 516 20.18 0.92 12.06
CA ARG A 516 20.76 2.25 12.21
C ARG A 516 19.98 3.07 13.23
N GLN A 517 18.66 2.90 13.27
CA GLN A 517 17.86 3.63 14.24
C GLN A 517 18.04 3.08 15.65
N ARG A 518 18.30 1.78 15.78
CA ARG A 518 18.59 1.22 17.09
C ARG A 518 19.91 1.74 17.64
N VAL A 519 20.93 1.81 16.77
CA VAL A 519 22.23 2.29 17.21
C VAL A 519 22.22 3.80 17.47
N SER A 520 21.58 4.56 16.59
CA SER A 520 21.72 6.01 16.58
C SER A 520 20.83 6.72 17.60
N GLY A 521 20.01 5.99 18.35
CA GLY A 521 19.16 6.60 19.32
C GLY A 521 17.86 7.16 18.79
N GLN A 522 17.55 6.92 17.51
CA GLN A 522 16.27 7.37 16.96
C GLN A 522 15.10 6.60 17.54
N VAL A 523 15.32 5.35 17.94
CA VAL A 523 14.25 4.52 18.47
C VAL A 523 13.76 5.07 19.80
N GLN A 524 14.68 5.53 20.66
CA GLN A 524 14.30 6.08 21.95
C GLN A 524 13.53 7.39 21.79
N ALA A 525 13.93 8.22 20.83
CA ALA A 525 13.20 9.43 20.51
C ALA A 525 11.80 9.11 20.00
N LEU A 526 11.68 8.10 19.14
CA LEU A 526 10.37 7.66 18.67
C LEU A 526 9.53 7.14 19.82
N GLN A 527 10.16 6.47 20.78
CA GLN A 527 9.45 5.98 21.96
C GLN A 527 8.85 7.12 22.76
N ASN A 528 9.67 8.13 23.09
CA ASN A 528 9.18 9.25 23.89
C ASN A 528 8.10 10.03 23.15
N HIS A 529 8.29 10.28 21.86
CA HIS A 529 7.28 11.03 21.11
C HIS A 529 5.99 10.24 20.96
N TYR A 530 6.08 8.93 20.74
CA TYR A 530 4.86 8.14 20.57
C TYR A 530 4.12 8.01 21.88
N ARG A 531 4.84 7.92 23.00
CA ARG A 531 4.21 7.88 24.31
C ARG A 531 3.51 9.21 24.62
N LYS A 532 4.06 10.33 24.16
CA LYS A 532 3.35 11.60 24.33
C LYS A 532 2.20 11.72 23.32
N TYR A 533 2.33 11.12 22.15
CA TYR A 533 1.33 11.26 21.10
C TYR A 533 0.08 10.44 21.40
N LEU A 534 0.23 9.34 22.13
CA LEU A 534 -0.92 8.48 22.44
C LEU A 534 -1.95 9.16 23.34
N CYS A 535 -1.64 10.32 23.92
CA CYS A 535 -2.61 11.04 24.73
C CYS A 535 -3.81 11.49 23.92
N LEU A 536 -3.61 11.77 22.63
CA LEU A 536 -4.70 12.13 21.74
C LEU A 536 -5.65 10.95 21.52
N LEU A 537 -5.09 9.74 21.41
CA LEU A 537 -5.86 8.60 20.99
C LEU A 537 -6.42 7.80 22.17
N ALA A 538 -5.75 7.84 23.31
CA ALA A 538 -6.14 7.01 24.45
C ALA A 538 -7.44 7.50 25.07
N SER A 539 -8.19 6.54 25.61
CA SER A 539 -9.46 6.87 26.24
C SER A 539 -9.26 7.58 27.58
N ASP A 540 -8.14 7.32 28.26
CA ASP A 540 -7.91 7.80 29.61
C ASP A 540 -7.05 9.05 29.67
N ALA A 541 -6.76 9.68 28.55
CA ALA A 541 -5.90 10.85 28.52
C ALA A 541 -6.58 11.98 27.77
N GLU A 542 -6.28 13.21 28.18
CA GLU A 542 -6.88 14.39 27.58
C GLU A 542 -5.78 15.35 27.14
N VAL A 543 -5.79 15.68 25.85
CA VAL A 543 -5.00 16.77 25.28
C VAL A 543 -5.69 18.09 25.64
N PRO A 544 -4.94 19.17 25.98
CA PRO A 544 -5.58 20.44 26.34
C PRO A 544 -6.49 21.04 25.27
N GLU A 545 -5.99 21.21 24.05
CA GLU A 545 -6.87 21.60 22.94
C GLU A 545 -6.92 20.45 21.92
N PRO A 546 -8.10 19.94 21.60
CA PRO A 546 -8.17 18.80 20.68
C PRO A 546 -7.89 19.22 19.26
N CYS A 547 -7.23 18.33 18.52
CA CYS A 547 -6.80 18.62 17.16
C CYS A 547 -6.58 17.30 16.42
N LEU A 548 -6.04 17.40 15.25
CA LEU A 548 -5.84 16.26 14.37
C LEU A 548 -4.50 15.58 14.67
N PRO A 549 -4.36 14.28 14.40
CA PRO A 549 -3.13 13.57 14.77
C PRO A 549 -1.86 14.08 14.11
N ARG A 550 -1.92 14.54 12.87
CA ARG A 550 -0.75 15.18 12.27
C ARG A 550 -0.43 16.49 12.97
N GLN A 551 -1.47 17.26 13.30
CA GLN A 551 -1.29 18.52 14.00
C GLN A 551 -0.73 18.32 15.41
N TYR A 552 -1.18 17.29 16.11
CA TYR A 552 -0.67 17.03 17.46
C TYR A 552 0.72 16.41 17.40
N TRP A 553 1.03 15.70 16.31
CA TRP A 553 2.38 15.17 16.14
C TRP A 553 3.37 16.29 15.88
N GLU A 554 2.97 17.30 15.09
CA GLU A 554 3.88 18.38 14.75
C GLU A 554 3.92 19.44 15.84
N GLU A 555 2.87 19.55 16.65
CA GLU A 555 2.89 20.47 17.77
C GLU A 555 3.88 20.03 18.83
N LEU A 556 3.91 18.73 19.10
CA LEU A 556 5.02 18.15 19.85
C LEU A 556 6.26 18.18 18.97
N GLY A 557 7.43 18.13 19.59
CA GLY A 557 8.66 18.25 18.83
C GLY A 557 8.90 17.03 17.96
N ALA A 558 8.69 17.20 16.65
CA ALA A 558 8.83 16.15 15.66
C ALA A 558 10.30 15.78 15.50
N PRO A 559 10.64 14.49 15.58
CA PRO A 559 12.05 14.11 15.46
C PRO A 559 12.55 14.28 14.05
N GLU A 560 13.85 14.51 13.93
CA GLU A 560 14.48 14.56 12.61
C GLU A 560 14.39 13.19 11.96
N ALA A 561 13.99 13.18 10.68
CA ALA A 561 13.79 11.93 9.98
C ALA A 561 15.10 11.18 9.80
N LEU A 562 16.16 11.90 9.42
CA LEU A 562 17.49 11.33 9.12
C LEU A 562 17.37 10.19 8.11
N ARG A 563 16.84 10.52 6.94
CA ARG A 563 16.34 9.52 6.01
C ARG A 563 17.47 8.71 5.41
N GLU A 564 17.46 7.40 5.65
CA GLU A 564 18.36 6.51 4.94
C GLU A 564 17.96 6.44 3.48
N GLN A 565 18.91 6.73 2.61
CA GLN A 565 18.64 6.71 1.19
C GLN A 565 19.13 5.40 0.57
N PRO A 566 18.45 4.88 -0.45
CA PRO A 566 18.93 3.67 -1.11
C PRO A 566 20.22 3.92 -1.85
N TRP A 567 21.05 2.88 -1.92
CA TRP A 567 22.32 2.96 -2.60
C TRP A 567 22.09 2.97 -4.11
N PRO A 568 23.11 3.33 -4.90
CA PRO A 568 23.00 3.15 -6.35
C PRO A 568 22.78 1.69 -6.73
N LEU A 569 21.96 1.50 -7.76
CA LEU A 569 21.49 0.17 -8.16
C LEU A 569 22.60 -0.83 -8.52
N PRO A 570 23.70 -0.47 -9.22
CA PRO A 570 24.77 -1.47 -9.41
C PRO A 570 25.39 -1.96 -8.11
N VAL A 571 25.51 -1.11 -7.08
CA VAL A 571 26.07 -1.58 -5.81
C VAL A 571 25.12 -2.54 -5.13
N GLN A 572 23.80 -2.28 -5.23
CA GLN A 572 22.79 -3.19 -4.72
C GLN A 572 22.86 -4.54 -5.42
N MET A 573 23.03 -4.54 -6.74
CA MET A 573 23.13 -5.78 -7.49
C MET A 573 24.42 -6.54 -7.15
N GLU A 574 25.54 -5.83 -6.94
CA GLU A 574 26.76 -6.50 -6.53
C GLU A 574 26.62 -7.14 -5.15
N LEU A 575 25.94 -6.47 -4.22
CA LEU A 575 25.71 -7.07 -2.90
C LEU A 575 24.85 -8.32 -2.99
N GLY A 576 23.79 -8.26 -3.81
CA GLY A 576 22.95 -9.44 -4.00
C GLY A 576 23.70 -10.59 -4.65
N LYS A 577 24.53 -10.30 -5.66
CA LYS A 577 25.34 -11.33 -6.29
C LYS A 577 26.33 -11.93 -5.32
N LEU A 578 26.97 -11.11 -4.49
CA LEU A 578 27.94 -11.63 -3.53
C LEU A 578 27.28 -12.52 -2.50
N LEU A 579 26.11 -12.12 -2.01
CA LEU A 579 25.41 -12.92 -1.00
C LEU A 579 24.91 -14.24 -1.59
N ALA A 580 24.34 -14.19 -2.81
CA ALA A 580 23.84 -15.42 -3.42
C ALA A 580 24.96 -16.37 -3.81
N GLU A 581 26.09 -15.83 -4.27
CA GLU A 581 27.23 -16.68 -4.57
C GLU A 581 27.96 -17.13 -3.33
N MET A 582 27.75 -16.50 -2.18
CA MET A 582 28.14 -17.13 -0.93
C MET A 582 27.23 -18.31 -0.64
N LEU A 583 25.95 -18.12 -0.92
CA LEU A 583 24.94 -19.10 -0.54
C LEU A 583 25.05 -20.36 -1.39
N VAL A 584 25.48 -20.19 -2.64
CA VAL A 584 25.67 -21.32 -3.55
C VAL A 584 26.83 -22.20 -3.08
N GLN A 585 28.04 -21.65 -3.05
CA GLN A 585 29.21 -22.44 -2.70
C GLN A 585 29.48 -22.50 -1.21
N ALA A 586 28.51 -22.14 -0.37
CA ALA A 586 28.72 -22.31 1.06
C ALA A 586 28.01 -23.53 1.63
N THR A 587 26.84 -23.87 1.08
CA THR A 587 26.03 -24.95 1.65
C THR A 587 26.29 -26.27 0.94
N GLN A 588 26.32 -27.36 1.70
CA GLN A 588 26.52 -28.69 1.16
C GLN A 588 25.70 -29.69 1.98
N MET A 589 25.38 -30.83 1.37
CA MET A 589 24.62 -31.85 2.08
C MET A 589 25.00 -33.24 1.59
N PRO A 590 24.82 -34.28 2.42
CA PRO A 590 25.02 -35.65 1.95
C PRO A 590 24.01 -36.03 0.88
N CYS A 591 24.47 -36.81 -0.10
CA CYS A 591 23.56 -37.28 -1.14
C CYS A 591 22.70 -38.44 -0.65
N SER A 592 23.24 -39.31 0.18
CA SER A 592 22.53 -40.49 0.67
C SER A 592 21.62 -40.07 1.82
N LEU A 593 20.51 -39.44 1.46
CA LEU A 593 19.55 -39.01 2.48
C LEU A 593 18.77 -40.19 3.04
N ASP A 594 18.31 -41.10 2.18
CA ASP A 594 17.48 -42.21 2.63
C ASP A 594 18.27 -43.21 3.46
N LYS A 595 19.54 -43.43 3.11
CA LYS A 595 20.40 -44.33 3.86
C LYS A 595 21.53 -43.53 4.48
N PRO A 596 21.47 -43.22 5.79
CA PRO A 596 22.58 -42.49 6.42
C PRO A 596 23.86 -43.31 6.50
N HIS A 597 23.76 -44.64 6.50
CA HIS A 597 24.95 -45.47 6.55
C HIS A 597 25.66 -45.51 5.20
N ARG A 598 24.97 -45.18 4.12
CA ARG A 598 25.57 -45.22 2.80
C ARG A 598 26.53 -44.04 2.63
N SER A 599 27.73 -44.34 2.13
CA SER A 599 28.76 -43.33 1.96
C SER A 599 28.51 -42.56 0.68
N SER A 600 28.23 -41.27 0.81
CA SER A 600 28.03 -40.38 -0.32
C SER A 600 28.83 -39.10 -0.10
N ARG A 601 29.39 -38.57 -1.18
CA ARG A 601 30.15 -37.34 -1.11
C ARG A 601 29.20 -36.16 -0.88
N LEU A 602 29.77 -35.06 -0.38
CA LEU A 602 29.00 -33.86 -0.06
C LEU A 602 28.59 -33.16 -1.35
N VAL A 603 27.46 -33.62 -1.89
CA VAL A 603 26.91 -33.12 -3.15
C VAL A 603 26.48 -31.69 -2.93
N PRO A 604 26.70 -30.80 -3.89
CA PRO A 604 26.16 -29.44 -3.77
C PRO A 604 24.65 -29.45 -3.79
N VAL A 605 24.05 -28.68 -2.88
CA VAL A 605 22.60 -28.64 -2.81
C VAL A 605 22.02 -27.74 -3.90
N LEU A 606 22.77 -26.72 -4.33
CA LEU A 606 22.31 -25.81 -5.37
C LEU A 606 23.47 -25.34 -6.24
N TYR A 607 23.70 -26.03 -7.39
CA TYR A 607 24.51 -25.52 -8.52
C TYR A 607 23.63 -25.56 -9.77
N HIS A 608 22.98 -24.44 -10.10
CA HIS A 608 22.34 -24.35 -11.41
C HIS A 608 22.47 -22.91 -11.92
N VAL A 609 23.68 -22.35 -11.83
CA VAL A 609 23.86 -20.93 -12.11
C VAL A 609 23.72 -20.64 -13.60
N TYR A 610 23.91 -21.65 -14.45
CA TYR A 610 23.82 -21.43 -15.89
C TYR A 610 22.38 -21.39 -16.36
N SER A 611 21.67 -22.52 -16.24
CA SER A 611 20.27 -22.69 -16.64
C SER A 611 19.94 -22.21 -18.05
N ILE A 618 15.97 -16.29 -16.39
CA ILE A 618 15.97 -17.68 -16.79
C ILE A 618 16.89 -18.49 -15.89
N GLY A 619 17.94 -17.85 -15.40
CA GLY A 619 18.88 -18.55 -14.54
C GLY A 619 18.29 -18.82 -13.17
N ILE A 620 17.94 -20.08 -12.92
CA ILE A 620 17.32 -20.50 -11.68
C ILE A 620 18.17 -21.58 -11.04
N LEU A 621 18.34 -21.47 -9.72
CA LEU A 621 19.16 -22.41 -8.97
C LEU A 621 18.40 -23.70 -8.75
N LYS A 622 19.13 -24.81 -8.61
CA LYS A 622 18.42 -26.08 -8.50
C LYS A 622 18.35 -26.52 -7.06
N PRO A 623 17.15 -26.65 -6.50
CA PRO A 623 17.01 -27.45 -5.29
C PRO A 623 17.01 -28.93 -5.64
N HIS A 624 18.12 -29.60 -5.30
CA HIS A 624 18.30 -31.04 -5.45
C HIS A 624 17.18 -31.76 -4.70
N PRO A 625 16.56 -32.77 -5.34
CA PRO A 625 15.25 -33.26 -4.84
C PRO A 625 15.27 -33.88 -3.45
N ALA A 626 16.45 -34.28 -2.96
CA ALA A 626 16.55 -34.83 -1.62
C ALA A 626 16.14 -33.81 -0.57
N TYR A 627 16.59 -32.56 -0.73
CA TYR A 627 16.22 -31.50 0.21
C TYR A 627 14.73 -31.24 0.21
N VAL A 628 14.12 -31.13 -0.97
CA VAL A 628 12.71 -30.75 -1.03
C VAL A 628 11.82 -31.89 -0.56
N GLN A 629 12.24 -33.14 -0.79
CA GLN A 629 11.49 -34.27 -0.26
C GLN A 629 11.67 -34.39 1.24
N LEU A 630 12.87 -34.02 1.74
CA LEU A 630 13.13 -33.99 3.17
C LEU A 630 12.25 -32.96 3.87
N LEU A 631 12.09 -31.79 3.24
CA LEU A 631 11.19 -30.77 3.75
C LEU A 631 9.74 -31.23 3.70
N GLU A 632 9.35 -31.90 2.61
CA GLU A 632 7.97 -32.34 2.46
C GLU A 632 7.61 -33.43 3.45
N LYS A 633 8.56 -34.29 3.80
CA LYS A 633 8.34 -35.29 4.83
C LYS A 633 8.69 -34.77 6.22
N ALA A 634 9.19 -33.54 6.32
CA ALA A 634 9.48 -32.95 7.62
C ALA A 634 8.23 -32.42 8.31
N ALA A 635 7.23 -32.01 7.53
CA ALA A 635 5.96 -31.47 8.03
C ALA A 635 6.17 -30.30 8.99
N GLU A 636 6.89 -29.29 8.50
CA GLU A 636 7.19 -28.11 9.30
C GLU A 636 5.92 -27.29 9.50
N PRO A 637 5.48 -27.07 10.73
CA PRO A 637 4.16 -26.44 10.96
C PRO A 637 4.15 -24.92 10.94
N THR A 638 5.22 -24.28 10.47
CA THR A 638 5.39 -22.84 10.64
C THR A 638 5.60 -22.14 9.31
N LEU A 639 4.78 -21.12 9.08
CA LEU A 639 4.96 -20.17 7.99
C LEU A 639 5.69 -18.95 8.53
N THR A 640 6.33 -18.19 7.66
CA THR A 640 7.10 -17.04 8.11
C THR A 640 6.81 -15.83 7.21
N PHE A 641 6.54 -14.70 7.84
CA PHE A 641 6.13 -13.46 7.19
C PHE A 641 7.12 -12.35 7.44
N GLU A 642 7.08 -11.34 6.57
CA GLU A 642 7.77 -10.09 6.84
C GLU A 642 7.04 -9.31 7.93
N ALA A 643 7.73 -8.35 8.53
CA ALA A 643 7.09 -7.49 9.50
C ALA A 643 6.09 -6.55 8.82
N VAL A 644 6.43 -6.07 7.63
CA VAL A 644 5.58 -5.12 6.92
C VAL A 644 4.44 -5.78 6.16
N ASP A 645 4.41 -7.11 6.12
CA ASP A 645 3.30 -7.85 5.52
C ASP A 645 2.29 -8.32 6.55
N VAL A 646 2.39 -7.82 7.77
CA VAL A 646 1.58 -8.23 8.91
C VAL A 646 0.91 -6.97 9.42
N PRO A 647 -0.36 -7.02 9.86
CA PRO A 647 -1.00 -5.83 10.44
C PRO A 647 -0.27 -5.34 11.68
N MET A 648 -0.27 -4.02 11.86
CA MET A 648 0.44 -3.41 12.96
C MET A 648 -0.27 -3.69 14.27
N LEU A 649 0.51 -3.97 15.31
CA LEU A 649 -0.03 -4.28 16.62
C LEU A 649 -0.34 -3.03 17.43
N CYS A 650 0.10 -1.87 16.97
CA CYS A 650 -0.11 -0.56 17.57
C CYS A 650 -0.70 0.35 16.50
N PRO A 651 -1.28 1.49 16.88
CA PRO A 651 -1.69 2.48 15.88
C PRO A 651 -0.50 2.95 15.06
N PRO A 652 -0.68 3.15 13.76
CA PRO A 652 0.44 3.55 12.92
C PRO A 652 0.83 4.99 13.17
N LEU A 653 2.02 5.35 12.68
CA LEU A 653 2.47 6.72 12.77
C LEU A 653 1.58 7.60 11.88
N PRO A 654 1.29 8.83 12.31
CA PRO A 654 0.51 9.73 11.47
C PRO A 654 1.26 10.09 10.21
N TRP A 655 0.49 10.29 9.14
CA TRP A 655 1.05 10.72 7.87
C TRP A 655 1.30 12.21 7.96
N THR A 656 2.49 12.59 8.41
CA THR A 656 2.88 13.98 8.54
C THR A 656 3.64 14.48 7.33
N SER A 657 3.95 13.61 6.37
CA SER A 657 4.81 13.92 5.25
C SER A 657 4.66 12.79 4.24
N PRO A 658 5.02 13.03 2.97
CA PRO A 658 5.13 11.89 2.04
C PRO A 658 6.24 10.91 2.39
N HIS A 659 7.11 11.25 3.34
CA HIS A 659 8.22 10.40 3.74
C HIS A 659 7.87 9.56 4.97
N SER A 660 7.31 10.21 5.98
CA SER A 660 7.09 9.60 7.29
C SER A 660 5.61 9.26 7.44
N GLY A 661 5.34 8.02 7.83
CA GLY A 661 3.98 7.57 8.08
C GLY A 661 3.95 6.06 8.11
N ALA A 662 2.79 5.54 8.51
CA ALA A 662 2.44 4.11 8.50
C ALA A 662 3.38 3.35 9.43
N PHE A 663 4.35 2.59 8.93
CA PHE A 663 5.15 1.72 9.77
C PHE A 663 6.16 2.49 10.60
N LEU A 664 6.56 1.92 11.73
CA LEU A 664 7.42 2.63 12.68
C LEU A 664 8.83 2.79 12.17
N LEU A 665 9.44 1.71 11.67
CA LEU A 665 10.85 1.71 11.32
C LEU A 665 11.08 1.49 9.83
N SER A 666 10.02 1.43 9.03
CA SER A 666 10.17 1.10 7.62
C SER A 666 9.65 2.23 6.74
N PRO A 667 10.37 2.60 5.69
CA PRO A 667 9.97 3.73 4.82
C PRO A 667 8.80 3.41 3.89
N THR A 668 7.59 3.57 4.42
CA THR A 668 6.39 3.32 3.63
C THR A 668 6.14 4.48 2.68
N LYS A 669 5.81 4.14 1.43
CA LYS A 669 5.60 5.10 0.37
C LYS A 669 4.19 5.67 0.42
N LEU A 670 4.03 6.92 -0.02
CA LEU A 670 2.70 7.51 -0.07
C LEU A 670 1.87 6.94 -1.20
N MET A 671 2.45 6.82 -2.40
CA MET A 671 1.76 6.26 -3.55
C MET A 671 2.38 4.92 -3.92
N ARG A 672 1.53 3.91 -4.10
CA ARG A 672 1.97 2.61 -4.57
C ARG A 672 2.42 2.72 -6.02
N THR A 673 3.55 2.08 -6.34
CA THR A 673 4.06 2.14 -7.69
C THR A 673 4.88 0.89 -7.99
N VAL A 674 5.13 0.67 -9.28
CA VAL A 674 5.92 -0.46 -9.74
C VAL A 674 7.09 0.08 -10.56
N GLU A 675 8.03 -0.82 -10.87
CA GLU A 675 9.24 -0.62 -11.69
C GLU A 675 10.05 0.62 -11.29
N GLY A 676 9.94 1.07 -10.04
CA GLY A 676 10.69 2.22 -9.57
C GLY A 676 10.32 3.54 -10.20
N ALA A 677 9.03 3.80 -10.40
CA ALA A 677 8.60 5.09 -10.91
C ALA A 677 8.66 6.13 -9.80
N THR A 678 9.38 7.23 -10.05
CA THR A 678 9.70 8.19 -9.01
C THR A 678 9.11 9.57 -9.22
N GLN A 679 8.45 9.82 -10.36
CA GLN A 679 7.85 11.13 -10.60
C GLN A 679 6.64 11.38 -9.70
N HIS A 680 6.11 10.31 -9.12
CA HIS A 680 4.95 10.38 -8.23
C HIS A 680 5.31 11.16 -6.98
N GLN A 681 6.40 10.75 -6.32
CA GLN A 681 6.95 11.50 -5.20
C GLN A 681 7.38 12.89 -5.63
N GLU A 682 8.06 13.00 -6.79
CA GLU A 682 8.57 14.30 -7.24
C GLU A 682 7.45 15.29 -7.48
N LEU A 683 6.22 14.82 -7.72
CA LEU A 683 5.07 15.72 -7.64
C LEU A 683 4.63 15.95 -6.20
N LEU A 684 4.71 14.92 -5.35
CA LEU A 684 4.25 15.09 -3.98
C LEU A 684 5.09 16.05 -3.13
N GLU A 685 6.42 16.05 -3.28
CA GLU A 685 7.28 17.01 -2.59
C GLU A 685 7.40 18.36 -3.28
N THR A 686 6.82 18.54 -4.47
CA THR A 686 6.77 19.86 -5.10
C THR A 686 5.32 20.31 -5.07
N CYS A 687 4.93 20.89 -3.95
CA CYS A 687 3.58 21.34 -3.66
C CYS A 687 3.67 22.48 -2.66
N PRO A 688 2.62 23.27 -2.51
CA PRO A 688 2.43 24.01 -1.27
C PRO A 688 2.31 23.03 -0.12
N PRO A 689 2.87 23.37 1.04
CA PRO A 689 2.93 22.39 2.14
C PRO A 689 1.58 21.99 2.70
N THR A 690 0.57 22.84 2.55
CA THR A 690 -0.76 22.58 3.07
C THR A 690 -1.67 21.86 2.08
N ALA A 691 -1.16 21.50 0.90
CA ALA A 691 -2.01 20.91 -0.12
C ALA A 691 -2.41 19.49 0.23
N LEU A 692 -1.47 18.70 0.73
CA LEU A 692 -1.71 17.28 1.00
C LEU A 692 -2.36 17.05 2.34
N HIS A 693 -2.62 18.12 3.10
CA HIS A 693 -3.13 18.01 4.46
C HIS A 693 -4.47 17.29 4.52
N GLY A 694 -5.31 17.48 3.50
CA GLY A 694 -6.56 16.74 3.44
C GLY A 694 -6.37 15.26 3.19
N ALA A 695 -5.43 14.90 2.33
CA ALA A 695 -5.23 13.50 1.99
C ALA A 695 -4.58 12.75 3.14
N LEU A 696 -3.52 13.32 3.71
CA LEU A 696 -2.78 12.67 4.78
C LEU A 696 -3.65 12.43 6.00
N ASP A 697 -4.41 13.45 6.40
CA ASP A 697 -5.36 13.31 7.50
C ASP A 697 -6.44 12.29 7.18
N ALA A 698 -6.72 12.06 5.90
CA ALA A 698 -7.61 10.97 5.53
C ALA A 698 -6.95 9.63 5.80
N LEU A 699 -5.71 9.46 5.33
CA LEU A 699 -5.03 8.16 5.42
C LEU A 699 -4.78 7.78 6.86
N THR A 700 -4.37 8.75 7.68
CA THR A 700 -4.24 8.54 9.12
C THR A 700 -5.55 8.11 9.72
N GLN A 701 -6.65 8.74 9.29
CA GLN A 701 -7.97 8.34 9.76
C GLN A 701 -8.31 6.92 9.30
N LEU A 702 -7.85 6.55 8.10
CA LEU A 702 -8.04 5.18 7.65
C LEU A 702 -7.12 4.23 8.40
N GLY A 703 -5.97 4.73 8.87
CA GLY A 703 -5.05 3.88 9.57
C GLY A 703 -5.36 3.73 11.04
N ASN A 704 -6.09 4.69 11.61
CA ASN A 704 -6.42 4.68 13.03
C ASN A 704 -7.61 3.80 13.35
N CYS A 705 -8.20 3.12 12.38
CA CYS A 705 -9.27 2.19 12.66
C CYS A 705 -8.73 0.95 13.36
N ALA A 706 -9.35 0.58 14.47
CA ALA A 706 -8.96 -0.58 15.24
C ALA A 706 -9.81 -1.77 14.80
N TRP A 707 -9.15 -2.84 14.36
CA TRP A 707 -9.80 -4.03 13.85
C TRP A 707 -9.60 -5.20 14.80
N ARG A 708 -10.54 -6.13 14.77
CA ARG A 708 -10.40 -7.42 15.43
C ARG A 708 -10.91 -8.52 14.50
N VAL A 709 -10.72 -9.76 14.93
CA VAL A 709 -11.05 -10.94 14.14
C VAL A 709 -12.34 -11.54 14.69
N ASN A 710 -13.30 -11.77 13.80
CA ASN A 710 -14.53 -12.47 14.16
C ASN A 710 -14.18 -13.95 14.31
N GLY A 711 -14.21 -14.44 15.55
CA GLY A 711 -13.67 -15.77 15.82
C GLY A 711 -14.59 -16.91 15.45
N ARG A 712 -15.90 -16.68 15.45
CA ARG A 712 -16.83 -17.75 15.08
C ARG A 712 -16.73 -18.09 13.60
N VAL A 713 -16.62 -17.07 12.76
CA VAL A 713 -16.42 -17.27 11.34
C VAL A 713 -15.09 -17.97 11.08
N LEU A 714 -14.06 -17.61 11.85
CA LEU A 714 -12.76 -18.26 11.73
C LEU A 714 -12.83 -19.73 12.12
N ASP A 715 -13.58 -20.03 13.19
CA ASP A 715 -13.76 -21.42 13.61
C ASP A 715 -14.44 -22.25 12.53
N LEU A 716 -15.49 -21.69 11.91
CA LEU A 716 -16.20 -22.42 10.87
C LEU A 716 -15.37 -22.60 9.60
N VAL A 717 -14.64 -21.55 9.18
CA VAL A 717 -13.83 -21.65 7.97
C VAL A 717 -12.67 -22.62 8.18
N LEU A 718 -12.06 -22.62 9.37
CA LEU A 718 -11.02 -23.60 9.64
C LEU A 718 -11.57 -25.01 9.77
N GLN A 719 -12.82 -25.16 10.25
CA GLN A 719 -13.46 -26.47 10.25
C GLN A 719 -13.65 -27.00 8.84
N LEU A 720 -14.01 -26.14 7.89
CA LEU A 720 -14.09 -26.58 6.50
C LEU A 720 -12.72 -26.75 5.85
N PHE A 721 -11.73 -25.97 6.27
CA PHE A 721 -10.42 -25.99 5.65
C PHE A 721 -9.62 -27.21 6.05
N GLN A 722 -9.70 -27.60 7.31
CA GLN A 722 -8.95 -28.75 7.82
C GLN A 722 -9.57 -30.06 7.36
N ALA A 723 -10.87 -30.06 7.10
CA ALA A 723 -11.52 -31.13 6.38
C ALA A 723 -11.40 -30.86 4.87
N LYS A 724 -12.17 -31.59 4.07
CA LYS A 724 -12.26 -31.28 2.66
C LYS A 724 -12.93 -29.94 2.46
N GLY A 725 -12.31 -29.08 1.65
CA GLY A 725 -12.80 -27.73 1.50
C GLY A 725 -14.11 -27.65 0.74
N CYS A 726 -14.78 -26.52 0.87
CA CYS A 726 -16.06 -26.29 0.23
C CYS A 726 -15.90 -25.19 -0.82
N PRO A 727 -15.69 -25.52 -2.09
CA PRO A 727 -15.49 -24.47 -3.10
C PRO A 727 -16.76 -23.66 -3.39
N GLN A 728 -17.93 -24.16 -3.00
CA GLN A 728 -19.15 -23.39 -3.12
C GLN A 728 -19.12 -22.16 -2.22
N LEU A 729 -18.57 -22.30 -1.02
CA LEU A 729 -18.50 -21.21 -0.06
C LEU A 729 -17.17 -20.49 -0.05
N GLY A 730 -16.24 -20.85 -0.93
CA GLY A 730 -14.99 -20.13 -1.07
C GLY A 730 -13.80 -20.76 -0.40
N VAL A 731 -13.98 -21.84 0.36
CA VAL A 731 -12.87 -22.55 1.00
C VAL A 731 -12.23 -23.47 -0.04
N PRO A 732 -10.95 -23.31 -0.35
CA PRO A 732 -10.34 -24.12 -1.42
C PRO A 732 -10.20 -25.59 -1.04
N ALA A 733 -10.16 -26.43 -2.07
CA ALA A 733 -10.02 -27.87 -1.93
C ALA A 733 -8.57 -28.26 -1.67
N PRO A 734 -8.35 -29.40 -1.01
CA PRO A 734 -6.99 -29.88 -0.75
C PRO A 734 -6.29 -30.33 -2.02
N PRO A 735 -5.01 -30.73 -1.93
CA PRO A 735 -4.45 -31.59 -2.97
C PRO A 735 -5.20 -32.91 -3.11
N SER A 736 -5.74 -33.43 -2.02
CA SER A 736 -6.70 -34.52 -2.08
C SER A 736 -8.02 -34.03 -2.65
N GLU A 737 -8.91 -34.97 -2.96
CA GLU A 737 -10.15 -34.91 -3.76
C GLU A 737 -9.90 -34.25 -5.12
N ALA A 738 -8.66 -34.29 -5.62
CA ALA A 738 -8.36 -33.83 -6.97
C ALA A 738 -8.88 -34.85 -7.99
N PRO A 739 -9.17 -34.40 -9.22
CA PRO A 739 -9.54 -35.36 -10.27
C PRO A 739 -8.36 -36.26 -10.64
N GLN A 740 -8.63 -37.56 -10.68
CA GLN A 740 -7.60 -38.55 -10.98
C GLN A 740 -7.99 -39.39 -12.19
N GLU A 757 -6.17 -38.71 -26.25
CA GLU A 757 -7.07 -39.57 -25.50
C GLU A 757 -6.74 -39.51 -24.02
N LEU A 758 -5.76 -40.31 -23.59
CA LEU A 758 -5.39 -40.33 -22.18
C LEU A 758 -4.59 -39.09 -21.80
N ARG A 759 -3.74 -38.63 -22.72
CA ARG A 759 -2.82 -37.53 -22.42
C ARG A 759 -3.57 -36.23 -22.14
N ARG A 760 -4.64 -35.97 -22.90
CA ARG A 760 -5.44 -34.76 -22.69
C ARG A 760 -6.09 -34.75 -21.31
N GLU A 761 -6.69 -35.88 -20.92
CA GLU A 761 -7.34 -35.95 -19.61
C GLU A 761 -6.33 -35.86 -18.48
N LEU A 762 -5.16 -36.51 -18.63
CA LEU A 762 -4.14 -36.41 -17.59
C LEU A 762 -3.59 -34.99 -17.48
N ALA A 763 -3.39 -34.30 -18.60
CA ALA A 763 -2.90 -32.92 -18.57
C ALA A 763 -3.94 -32.00 -17.93
N HIS A 764 -5.22 -32.22 -18.23
CA HIS A 764 -6.27 -31.41 -17.61
C HIS A 764 -6.35 -31.67 -16.11
N CYS A 765 -6.19 -32.93 -15.69
CA CYS A 765 -6.20 -33.24 -14.27
C CYS A 765 -5.03 -32.59 -13.54
N GLN A 766 -3.84 -32.60 -14.16
CA GLN A 766 -2.70 -31.91 -13.56
C GLN A 766 -2.92 -30.41 -13.48
N LYS A 767 -3.53 -29.82 -14.51
CA LYS A 767 -3.84 -28.39 -14.50
C LYS A 767 -4.79 -28.04 -13.34
N VAL A 768 -5.88 -28.79 -13.18
CA VAL A 768 -6.83 -28.53 -12.11
C VAL A 768 -6.19 -28.74 -10.75
N ALA A 769 -5.31 -29.75 -10.63
CA ALA A 769 -4.61 -29.99 -9.38
C ALA A 769 -3.70 -28.82 -9.01
N ARG A 770 -2.98 -28.27 -9.99
CA ARG A 770 -2.11 -27.12 -9.71
C ARG A 770 -2.91 -25.89 -9.29
N GLU A 771 -4.04 -25.63 -9.96
CA GLU A 771 -4.87 -24.49 -9.57
C GLU A 771 -5.43 -24.64 -8.16
N MET A 772 -5.91 -25.85 -7.81
CA MET A 772 -6.45 -26.05 -6.47
C MET A 772 -5.37 -25.93 -5.41
N HIS A 773 -4.17 -26.43 -5.71
CA HIS A 773 -3.06 -26.34 -4.76
C HIS A 773 -2.65 -24.90 -4.52
N SER A 774 -2.64 -24.09 -5.59
CA SER A 774 -2.31 -22.68 -5.46
C SER A 774 -3.34 -21.92 -4.63
N LEU A 775 -4.63 -22.17 -4.88
CA LEU A 775 -5.67 -21.51 -4.11
C LEU A 775 -5.62 -21.91 -2.64
N ARG A 776 -5.32 -23.18 -2.37
CA ARG A 776 -5.23 -23.60 -0.97
C ARG A 776 -4.01 -22.99 -0.28
N ALA A 777 -2.92 -22.76 -1.01
CA ALA A 777 -1.78 -22.07 -0.41
C ALA A 777 -2.13 -20.63 -0.03
N GLU A 778 -2.86 -19.94 -0.92
CA GLU A 778 -3.35 -18.58 -0.61
C GLU A 778 -4.23 -18.57 0.64
N ALA A 779 -5.19 -19.49 0.71
CA ALA A 779 -6.09 -19.54 1.85
C ALA A 779 -5.35 -19.94 3.13
N LEU A 780 -4.32 -20.78 2.99
CA LEU A 780 -3.49 -21.18 4.11
C LEU A 780 -2.78 -19.98 4.72
N TYR A 781 -2.20 -19.13 3.88
CA TYR A 781 -1.49 -17.95 4.38
C TYR A 781 -2.46 -16.97 5.04
N ARG A 782 -3.62 -16.75 4.42
CA ARG A 782 -4.62 -15.84 4.98
C ARG A 782 -5.14 -16.33 6.33
N LEU A 783 -5.48 -17.62 6.43
CA LEU A 783 -6.03 -18.14 7.67
C LEU A 783 -4.96 -18.28 8.75
N SER A 784 -3.70 -18.44 8.35
CA SER A 784 -2.61 -18.44 9.33
C SER A 784 -2.45 -17.06 9.98
N LEU A 785 -2.48 -15.99 9.17
CA LEU A 785 -2.47 -14.65 9.78
C LEU A 785 -3.73 -14.38 10.61
N ALA A 786 -4.88 -14.87 10.15
CA ALA A 786 -6.10 -14.67 10.91
C ALA A 786 -6.05 -15.38 12.25
N GLN A 787 -5.52 -16.61 12.30
CA GLN A 787 -5.39 -17.30 13.57
C GLN A 787 -4.32 -16.68 14.46
N HIS A 788 -3.28 -16.10 13.85
CA HIS A 788 -2.30 -15.34 14.62
C HIS A 788 -2.94 -14.14 15.30
N LEU A 789 -3.75 -13.38 14.56
CA LEU A 789 -4.36 -12.16 15.06
C LEU A 789 -5.72 -12.39 15.69
N ARG A 790 -6.07 -13.65 15.92
CA ARG A 790 -7.34 -14.03 16.54
C ARG A 790 -7.61 -13.29 17.85
N ASP A 791 -6.61 -13.17 18.72
CA ASP A 791 -6.84 -12.63 20.06
C ASP A 791 -6.28 -11.23 20.22
N ARG A 792 -5.98 -10.54 19.13
CA ARG A 792 -5.26 -9.28 19.17
C ARG A 792 -6.02 -8.20 18.43
N VAL A 793 -5.84 -6.97 18.88
CA VAL A 793 -6.37 -5.77 18.22
C VAL A 793 -5.26 -5.19 17.36
N PHE A 794 -5.55 -4.99 16.07
CA PHE A 794 -4.53 -4.60 15.12
C PHE A 794 -5.02 -3.46 14.24
N TRP A 795 -4.06 -2.81 13.59
CA TRP A 795 -4.31 -1.63 12.77
C TRP A 795 -3.76 -1.86 11.39
N LEU A 796 -4.49 -1.40 10.38
CA LEU A 796 -4.03 -1.52 8.98
C LEU A 796 -3.66 -0.14 8.47
N PRO A 797 -2.37 0.18 8.37
CA PRO A 797 -1.98 1.46 7.77
C PRO A 797 -2.32 1.50 6.29
N HIS A 798 -2.70 2.68 5.81
CA HIS A 798 -3.19 2.84 4.46
C HIS A 798 -2.24 3.69 3.63
N ASN A 799 -2.12 3.32 2.37
CA ASN A 799 -1.44 4.10 1.35
C ASN A 799 -2.46 4.54 0.31
N MET A 800 -2.01 5.37 -0.61
CA MET A 800 -2.76 5.67 -1.81
C MET A 800 -2.12 5.00 -3.01
N ASP A 801 -2.87 4.94 -4.10
CA ASP A 801 -2.27 4.79 -5.41
C ASP A 801 -1.98 6.17 -5.99
N PHE A 802 -1.71 6.22 -7.28
CA PHE A 802 -1.41 7.50 -7.90
C PHE A 802 -2.67 8.33 -8.10
N ARG A 803 -3.79 7.68 -8.37
CA ARG A 803 -4.95 8.44 -8.81
C ARG A 803 -5.79 8.85 -7.61
N GLY A 804 -5.42 8.36 -6.42
CA GLY A 804 -5.95 8.83 -5.16
C GLY A 804 -6.57 7.81 -4.24
N ARG A 805 -6.87 6.63 -4.76
CA ARG A 805 -7.63 5.63 -4.02
C ARG A 805 -6.75 4.94 -2.98
N THR A 806 -7.35 4.53 -1.87
CA THR A 806 -6.61 4.14 -0.68
C THR A 806 -6.69 2.64 -0.43
N TYR A 807 -5.54 2.00 -0.22
CA TYR A 807 -5.43 0.59 0.07
C TYR A 807 -4.64 0.35 1.34
N PRO A 808 -5.03 -0.62 2.16
CA PRO A 808 -4.21 -0.99 3.32
C PRO A 808 -2.95 -1.73 2.91
N CYS A 809 -1.86 -1.43 3.60
CA CYS A 809 -0.55 -2.02 3.35
C CYS A 809 -0.42 -3.53 3.59
N PRO A 810 -0.92 -4.14 4.68
CA PRO A 810 -0.76 -5.61 4.83
C PRO A 810 -1.63 -6.37 3.85
N PRO A 811 -1.01 -7.20 3.00
CA PRO A 811 -1.73 -7.71 1.82
C PRO A 811 -2.71 -8.85 2.07
N HIS A 812 -2.35 -9.85 2.89
CA HIS A 812 -3.09 -11.11 2.90
C HIS A 812 -4.43 -10.97 3.59
N PHE A 813 -4.47 -10.28 4.72
CA PHE A 813 -5.66 -10.21 5.57
C PHE A 813 -6.08 -8.75 5.72
N ASN A 814 -6.95 -8.30 4.81
CA ASN A 814 -7.50 -6.95 4.84
C ASN A 814 -8.95 -7.01 4.39
N HIS A 815 -9.66 -5.90 4.56
CA HIS A 815 -11.10 -5.82 4.34
C HIS A 815 -11.48 -5.54 2.90
N LEU A 816 -10.51 -5.41 2.00
CA LEU A 816 -10.73 -5.33 0.58
C LEU A 816 -10.56 -6.66 -0.11
N GLY A 817 -10.37 -7.73 0.66
CA GLY A 817 -10.26 -9.06 0.12
C GLY A 817 -11.61 -9.66 -0.17
N SER A 818 -11.66 -10.99 -0.12
CA SER A 818 -12.84 -11.71 -0.55
C SER A 818 -13.92 -11.67 0.52
N ASP A 819 -14.94 -12.48 0.29
CA ASP A 819 -16.04 -12.65 1.25
C ASP A 819 -15.54 -13.15 2.59
N VAL A 820 -14.64 -14.14 2.57
CA VAL A 820 -14.13 -14.73 3.81
C VAL A 820 -13.35 -13.69 4.61
N ALA A 821 -12.49 -12.93 3.93
CA ALA A 821 -11.66 -11.92 4.60
C ALA A 821 -12.50 -10.82 5.22
N ARG A 822 -13.55 -10.38 4.53
CA ARG A 822 -14.44 -9.37 5.10
C ARG A 822 -15.27 -9.93 6.24
N ALA A 823 -15.61 -11.22 6.17
CA ALA A 823 -16.36 -11.83 7.26
C ALA A 823 -15.53 -11.99 8.51
N LEU A 824 -14.22 -12.23 8.36
CA LEU A 824 -13.36 -12.38 9.53
C LEU A 824 -13.14 -11.06 10.24
N LEU A 825 -13.08 -9.95 9.51
CA LEU A 825 -12.74 -8.65 10.09
C LEU A 825 -13.96 -8.00 10.74
N GLU A 826 -13.69 -7.23 11.79
CA GLU A 826 -14.73 -6.60 12.57
C GLU A 826 -14.12 -5.36 13.23
N PHE A 827 -14.96 -4.39 13.59
CA PHE A 827 -14.49 -3.20 14.28
C PHE A 827 -14.14 -3.57 15.71
N ALA A 828 -12.96 -3.14 16.18
CA ALA A 828 -12.58 -3.42 17.56
C ALA A 828 -13.33 -2.52 18.52
N GLN A 829 -13.64 -1.30 18.11
CA GLN A 829 -14.48 -0.40 18.88
C GLN A 829 -15.92 -0.53 18.43
N GLY A 830 -16.83 -0.59 19.38
CA GLY A 830 -18.24 -0.76 19.09
C GLY A 830 -19.06 0.42 19.60
N ARG A 831 -20.08 0.78 18.84
CA ARG A 831 -20.92 1.91 19.14
C ARG A 831 -22.35 1.44 19.30
N PRO A 832 -23.09 1.88 20.33
CA PRO A 832 -24.43 1.37 20.58
C PRO A 832 -25.39 1.70 19.45
N LEU A 833 -26.34 0.79 19.22
CA LEU A 833 -27.17 0.82 18.01
C LEU A 833 -28.05 2.06 17.95
N GLY A 834 -28.65 2.44 19.06
CA GLY A 834 -29.54 3.57 19.09
C GLY A 834 -30.90 3.21 18.53
N PRO A 835 -31.75 4.21 18.34
CA PRO A 835 -33.10 3.94 17.82
C PRO A 835 -33.15 3.50 16.37
N HIS A 836 -32.09 3.70 15.59
CA HIS A 836 -32.13 3.41 14.16
C HIS A 836 -31.10 2.39 13.70
N GLY A 837 -30.31 1.81 14.61
CA GLY A 837 -29.22 0.94 14.18
C GLY A 837 -29.65 -0.41 13.67
N LEU A 838 -30.66 -1.02 14.31
CA LEU A 838 -31.08 -2.36 13.94
C LEU A 838 -31.75 -2.40 12.57
N ASP A 839 -32.43 -1.32 12.20
CA ASP A 839 -32.98 -1.22 10.85
C ASP A 839 -31.88 -1.22 9.81
N TRP A 840 -30.78 -0.52 10.09
CA TRP A 840 -29.66 -0.55 9.15
C TRP A 840 -28.95 -1.89 9.15
N LEU A 841 -28.92 -2.61 10.29
CA LEU A 841 -28.37 -3.97 10.28
C LEU A 841 -29.20 -4.90 9.41
N LYS A 842 -30.52 -4.81 9.52
CA LYS A 842 -31.39 -5.67 8.73
C LYS A 842 -31.31 -5.32 7.24
N ILE A 843 -31.27 -4.03 6.92
CA ILE A 843 -31.10 -3.60 5.54
C ILE A 843 -29.74 -4.05 5.00
N HIS A 844 -28.72 -4.02 5.85
CA HIS A 844 -27.40 -4.54 5.46
C HIS A 844 -27.44 -6.02 5.14
N LEU A 845 -28.17 -6.79 5.94
CA LEU A 845 -28.28 -8.24 5.70
C LEU A 845 -28.98 -8.50 4.38
N VAL A 846 -30.09 -7.81 4.13
CA VAL A 846 -30.82 -7.98 2.87
C VAL A 846 -29.98 -7.53 1.68
N ASN A 847 -29.16 -6.51 1.86
CA ASN A 847 -28.22 -6.12 0.81
C ASN A 847 -27.16 -7.20 0.59
N LEU A 848 -26.73 -7.89 1.65
CA LEU A 848 -25.72 -8.94 1.49
C LEU A 848 -26.30 -10.18 0.83
N THR A 849 -27.61 -10.44 1.00
CA THR A 849 -28.22 -11.61 0.35
C THR A 849 -28.24 -11.47 -1.16
N GLY A 850 -28.28 -10.25 -1.67
CA GLY A 850 -28.38 -10.01 -3.08
C GLY A 850 -29.79 -10.01 -3.61
N LEU A 851 -30.74 -10.51 -2.83
CA LEU A 851 -32.15 -10.33 -3.12
C LEU A 851 -32.54 -8.90 -2.82
N LYS A 852 -33.67 -8.48 -3.41
CA LYS A 852 -34.30 -7.17 -3.16
C LYS A 852 -33.39 -6.00 -3.50
N LYS A 853 -32.63 -6.11 -4.60
CA LYS A 853 -31.84 -4.97 -5.06
C LYS A 853 -32.71 -3.90 -5.70
N ARG A 854 -33.86 -4.30 -6.23
CA ARG A 854 -34.79 -3.43 -6.94
C ARG A 854 -35.86 -2.84 -6.04
N GLU A 855 -35.62 -2.77 -4.75
CA GLU A 855 -36.69 -2.52 -3.80
C GLU A 855 -36.38 -1.28 -2.94
N PRO A 856 -37.41 -0.63 -2.41
CA PRO A 856 -37.18 0.41 -1.41
C PRO A 856 -36.70 -0.16 -0.08
N LEU A 857 -36.27 0.76 0.79
CA LEU A 857 -35.74 0.37 2.10
C LEU A 857 -36.82 -0.22 2.98
N ARG A 858 -38.06 0.28 2.85
CA ARG A 858 -39.15 -0.22 3.67
C ARG A 858 -39.46 -1.68 3.34
N LYS A 859 -39.28 -2.05 2.07
CA LYS A 859 -39.59 -3.41 1.66
C LYS A 859 -38.39 -4.34 1.78
N ARG A 860 -37.16 -3.80 1.76
CA ARG A 860 -36.01 -4.57 2.23
C ARG A 860 -36.15 -4.93 3.70
N LEU A 861 -36.58 -3.96 4.52
CA LEU A 861 -36.78 -4.21 5.95
C LEU A 861 -37.94 -5.18 6.18
N ALA A 862 -39.01 -5.06 5.38
CA ALA A 862 -40.11 -6.02 5.47
C ALA A 862 -39.67 -7.42 5.05
N PHE A 863 -38.78 -7.51 4.05
CA PHE A 863 -38.18 -8.80 3.71
C PHE A 863 -37.38 -9.37 4.88
N ALA A 864 -36.64 -8.51 5.58
CA ALA A 864 -35.87 -8.95 6.73
C ALA A 864 -36.76 -9.53 7.81
N GLU A 865 -37.89 -8.87 8.08
CA GLU A 865 -38.86 -9.44 9.01
C GLU A 865 -39.51 -10.70 8.46
N GLU A 866 -39.56 -10.85 7.13
CA GLU A 866 -40.14 -12.05 6.55
C GLU A 866 -39.24 -13.27 6.75
N VAL A 867 -37.92 -13.09 6.64
CA VAL A 867 -36.99 -14.21 6.73
C VAL A 867 -36.19 -14.20 8.04
N MET A 868 -36.78 -13.70 9.13
CA MET A 868 -36.09 -13.67 10.42
C MET A 868 -35.72 -15.05 10.92
N ASP A 869 -36.62 -16.03 10.76
CA ASP A 869 -36.35 -17.37 11.27
C ASP A 869 -35.17 -18.01 10.55
N ASP A 870 -35.05 -17.76 9.24
CA ASP A 870 -33.89 -18.23 8.50
C ASP A 870 -32.60 -17.57 8.97
N ILE A 871 -32.67 -16.28 9.32
CA ILE A 871 -31.51 -15.57 9.86
C ILE A 871 -31.07 -16.19 11.19
N LEU A 872 -32.04 -16.44 12.07
CA LEU A 872 -31.70 -17.00 13.38
C LEU A 872 -31.19 -18.43 13.28
N ASP A 873 -31.73 -19.21 12.34
CA ASP A 873 -31.24 -20.57 12.14
C ASP A 873 -29.85 -20.57 11.52
N SER A 874 -29.58 -19.65 10.59
CA SER A 874 -28.26 -19.54 10.00
C SER A 874 -27.22 -19.13 11.02
N ALA A 875 -27.57 -18.19 11.91
CA ALA A 875 -26.65 -17.80 12.96
C ALA A 875 -26.45 -18.92 13.97
N ASP A 876 -27.52 -19.65 14.30
CA ASP A 876 -27.44 -20.65 15.35
C ASP A 876 -26.82 -21.94 14.84
N GLN A 877 -27.26 -22.43 13.70
CA GLN A 877 -26.77 -23.67 13.10
C GLN A 877 -26.30 -23.37 11.68
N PRO A 878 -25.05 -22.95 11.52
CA PRO A 878 -24.55 -22.63 10.18
C PRO A 878 -24.41 -23.85 9.27
N LEU A 879 -23.76 -24.91 9.75
CA LEU A 879 -23.46 -26.07 8.93
C LEU A 879 -24.38 -27.24 9.17
N THR A 880 -25.22 -27.19 10.21
CA THR A 880 -26.12 -28.29 10.52
C THR A 880 -27.58 -27.93 10.32
N GLY A 881 -27.90 -26.67 10.03
CA GLY A 881 -29.27 -26.27 9.84
C GLY A 881 -29.67 -26.32 8.38
N ARG A 882 -30.62 -25.46 7.98
CA ARG A 882 -31.12 -25.47 6.62
C ARG A 882 -30.27 -24.64 5.67
N LYS A 883 -29.18 -24.05 6.17
CA LYS A 883 -28.12 -23.45 5.36
C LYS A 883 -28.65 -22.36 4.44
N TRP A 884 -29.54 -21.52 4.99
CA TRP A 884 -30.10 -20.40 4.24
C TRP A 884 -29.02 -19.40 3.87
N TRP A 885 -28.02 -19.25 4.74
CA TRP A 885 -26.95 -18.28 4.51
C TRP A 885 -26.06 -18.67 3.34
N MET A 886 -26.00 -19.96 3.00
CA MET A 886 -25.11 -20.40 1.93
C MET A 886 -25.61 -19.95 0.56
N GLY A 887 -26.92 -19.79 0.40
CA GLY A 887 -27.47 -19.37 -0.87
C GLY A 887 -27.34 -17.88 -1.13
N ALA A 888 -26.87 -17.12 -0.14
CA ALA A 888 -26.70 -15.69 -0.31
C ALA A 888 -25.56 -15.41 -1.28
N GLU A 889 -25.60 -14.21 -1.88
CA GLU A 889 -24.58 -13.85 -2.85
C GLU A 889 -23.22 -13.69 -2.18
N GLU A 890 -23.20 -13.14 -0.96
CA GLU A 890 -22.00 -13.09 -0.13
C GLU A 890 -22.28 -13.92 1.12
N PRO A 891 -22.13 -15.25 1.07
CA PRO A 891 -22.57 -16.09 2.20
C PRO A 891 -21.86 -15.86 3.53
N TRP A 892 -20.55 -15.63 3.54
CA TRP A 892 -19.87 -15.49 4.82
C TRP A 892 -20.19 -14.15 5.48
N GLN A 893 -20.27 -13.07 4.70
CA GLN A 893 -20.70 -11.79 5.24
C GLN A 893 -22.16 -11.85 5.69
N THR A 894 -22.99 -12.57 4.96
CA THR A 894 -24.37 -12.78 5.37
C THR A 894 -24.44 -13.55 6.68
N LEU A 895 -23.57 -14.54 6.86
CA LEU A 895 -23.55 -15.30 8.11
C LEU A 895 -23.09 -14.43 9.28
N ALA A 896 -22.07 -13.60 9.06
CA ALA A 896 -21.61 -12.68 10.11
C ALA A 896 -22.70 -11.68 10.48
N CYS A 897 -23.41 -11.16 9.47
CA CYS A 897 -24.52 -10.24 9.74
C CYS A 897 -25.68 -10.96 10.40
N CYS A 898 -25.90 -12.24 10.08
CA CYS A 898 -26.93 -13.02 10.75
C CYS A 898 -26.60 -13.21 12.22
N MET A 899 -25.33 -13.46 12.54
CA MET A 899 -24.90 -13.56 13.93
C MET A 899 -25.09 -12.25 14.66
N GLU A 900 -24.74 -11.13 14.00
CA GLU A 900 -24.84 -9.82 14.64
C GLU A 900 -26.30 -9.43 14.87
N VAL A 901 -27.16 -9.67 13.87
CA VAL A 901 -28.59 -9.41 14.00
C VAL A 901 -29.22 -10.32 15.04
N ALA A 902 -28.77 -11.57 15.13
CA ALA A 902 -29.32 -12.47 16.14
C ALA A 902 -28.93 -12.03 17.55
N ASN A 903 -27.72 -11.50 17.71
CA ASN A 903 -27.34 -10.95 19.02
C ASN A 903 -28.12 -9.67 19.32
N ALA A 904 -28.40 -8.85 18.29
CA ALA A 904 -29.08 -7.58 18.52
C ALA A 904 -30.56 -7.76 18.82
N VAL A 905 -31.22 -8.70 18.13
CA VAL A 905 -32.65 -8.92 18.35
C VAL A 905 -32.89 -9.55 19.72
N ARG A 906 -32.07 -10.53 20.09
CA ARG A 906 -32.24 -11.19 21.39
C ARG A 906 -31.73 -10.35 22.55
N ALA A 907 -31.11 -9.20 22.28
CA ALA A 907 -30.71 -8.28 23.33
C ALA A 907 -31.92 -7.72 24.06
N SER A 908 -31.73 -7.42 25.35
CA SER A 908 -32.82 -6.89 26.16
C SER A 908 -33.23 -5.51 25.68
N ASP A 909 -32.25 -4.66 25.39
CA ASP A 909 -32.48 -3.35 24.78
C ASP A 909 -31.68 -3.31 23.50
N PRO A 910 -32.29 -3.57 22.34
CA PRO A 910 -31.54 -3.53 21.08
C PRO A 910 -31.00 -2.16 20.74
N ALA A 911 -31.60 -1.09 21.27
CA ALA A 911 -31.05 0.23 21.05
C ALA A 911 -29.72 0.38 21.76
N ALA A 912 -29.61 -0.11 22.99
CA ALA A 912 -28.38 -0.05 23.75
C ALA A 912 -27.60 -1.34 23.62
N TYR A 913 -27.33 -1.73 22.37
CA TYR A 913 -26.52 -2.89 22.06
C TYR A 913 -25.29 -2.43 21.30
N VAL A 914 -24.12 -2.84 21.78
CA VAL A 914 -22.84 -2.43 21.22
C VAL A 914 -22.56 -3.32 20.01
N SER A 915 -22.60 -2.73 18.83
CA SER A 915 -22.42 -3.48 17.59
C SER A 915 -21.06 -3.15 16.98
N HIS A 916 -20.33 -4.20 16.61
CA HIS A 916 -19.01 -4.07 16.03
C HIS A 916 -19.00 -4.33 14.53
N LEU A 917 -20.14 -4.65 13.95
CA LEU A 917 -20.21 -5.00 12.53
C LEU A 917 -20.13 -3.74 11.69
N PRO A 918 -19.27 -3.71 10.66
CA PRO A 918 -19.33 -2.61 9.70
C PRO A 918 -20.53 -2.76 8.77
N VAL A 919 -21.42 -1.77 8.81
CA VAL A 919 -22.55 -1.66 7.91
C VAL A 919 -22.10 -0.84 6.71
N HIS A 920 -22.50 -1.28 5.52
CA HIS A 920 -21.94 -0.81 4.26
C HIS A 920 -22.95 0.08 3.55
N GLN A 921 -22.48 1.11 2.85
CA GLN A 921 -23.32 1.88 1.94
C GLN A 921 -22.55 2.10 0.65
N ASP A 922 -23.22 1.88 -0.47
CA ASP A 922 -22.56 1.81 -1.78
C ASP A 922 -23.31 2.69 -2.76
N GLY A 923 -22.53 3.36 -3.62
CA GLY A 923 -23.12 4.15 -4.67
C GLY A 923 -23.71 3.28 -5.77
N SER A 924 -24.69 3.85 -6.48
CA SER A 924 -25.42 3.09 -7.49
C SER A 924 -24.53 2.77 -8.69
N CYS A 925 -24.04 3.81 -9.36
CA CYS A 925 -23.04 3.68 -10.43
C CYS A 925 -22.18 4.93 -10.35
N ASN A 926 -21.04 4.82 -9.67
CA ASN A 926 -20.30 6.01 -9.26
C ASN A 926 -19.59 6.70 -10.41
N GLY A 927 -19.18 5.96 -11.44
CA GLY A 927 -18.74 6.62 -12.65
C GLY A 927 -19.87 7.39 -13.30
N LEU A 928 -21.04 6.77 -13.40
CA LEU A 928 -22.23 7.44 -13.87
C LEU A 928 -22.68 8.55 -12.91
N GLN A 929 -22.53 8.33 -11.61
CA GLN A 929 -22.91 9.36 -10.64
C GLN A 929 -22.07 10.62 -10.80
N HIS A 930 -20.76 10.46 -10.95
CA HIS A 930 -19.86 11.59 -11.10
C HIS A 930 -19.95 12.24 -12.48
N TYR A 931 -20.11 11.46 -13.55
CA TYR A 931 -20.45 12.02 -14.86
C TYR A 931 -21.75 12.82 -14.85
N ALA A 932 -22.80 12.30 -14.22
CA ALA A 932 -24.07 13.00 -14.20
C ALA A 932 -23.98 14.26 -13.35
N ALA A 933 -23.17 14.24 -12.29
CA ALA A 933 -23.03 15.45 -11.49
C ALA A 933 -22.10 16.47 -12.14
N LEU A 934 -21.15 16.04 -12.96
CA LEU A 934 -20.36 16.99 -13.71
C LEU A 934 -21.16 17.64 -14.84
N GLY A 935 -21.92 16.86 -15.59
CA GLY A 935 -22.70 17.39 -16.68
C GLY A 935 -24.06 17.95 -16.31
N ARG A 936 -24.50 17.77 -15.07
CA ARG A 936 -25.82 18.20 -14.57
C ARG A 936 -26.96 17.64 -15.42
N ASP A 937 -26.80 16.41 -15.89
CA ASP A 937 -27.76 15.78 -16.79
C ASP A 937 -28.92 15.24 -15.98
N SER A 938 -30.13 15.76 -16.24
CA SER A 938 -31.30 15.36 -15.44
C SER A 938 -31.67 13.90 -15.68
N VAL A 939 -31.54 13.42 -16.92
CA VAL A 939 -31.91 12.05 -17.24
C VAL A 939 -30.97 11.07 -16.54
N GLY A 940 -29.67 11.33 -16.62
CA GLY A 940 -28.71 10.49 -15.92
C GLY A 940 -28.84 10.58 -14.41
N ALA A 941 -29.02 11.80 -13.89
CA ALA A 941 -29.13 12.00 -12.45
C ALA A 941 -30.36 11.30 -11.88
N ALA A 942 -31.48 11.32 -12.61
CA ALA A 942 -32.62 10.51 -12.23
C ALA A 942 -32.31 9.03 -12.39
N SER A 943 -31.45 8.69 -13.36
CA SER A 943 -31.22 7.29 -13.69
C SER A 943 -30.33 6.60 -12.66
N VAL A 944 -29.31 7.29 -12.13
CA VAL A 944 -28.41 6.68 -11.17
C VAL A 944 -28.57 7.33 -9.80
N ASN A 945 -29.78 7.81 -9.53
CA ASN A 945 -30.30 8.18 -8.20
C ASN A 945 -29.70 9.45 -7.62
N LEU A 946 -29.35 10.43 -8.45
CA LEU A 946 -29.05 11.75 -7.90
C LEU A 946 -30.31 12.58 -7.69
N GLU A 947 -31.43 12.22 -8.32
CA GLU A 947 -32.71 12.88 -8.13
C GLU A 947 -33.59 11.99 -7.27
N PRO A 948 -34.25 12.55 -6.24
CA PRO A 948 -34.96 11.72 -5.25
C PRO A 948 -36.14 10.97 -5.85
N SER A 949 -36.22 9.69 -5.50
CA SER A 949 -37.27 8.80 -5.98
C SER A 949 -37.67 7.86 -4.86
N ASP A 950 -38.89 7.34 -4.95
CA ASP A 950 -39.36 6.38 -3.97
C ASP A 950 -38.64 5.04 -4.14
N VAL A 951 -38.31 4.67 -5.37
CA VAL A 951 -37.64 3.40 -5.63
C VAL A 951 -36.25 3.65 -6.18
N PRO A 952 -35.28 2.78 -5.92
CA PRO A 952 -33.98 2.91 -6.57
C PRO A 952 -34.04 2.56 -8.04
N GLN A 953 -33.13 3.15 -8.81
CA GLN A 953 -33.09 3.01 -10.25
C GLN A 953 -31.73 2.45 -10.66
N ASP A 954 -31.73 1.34 -11.39
CA ASP A 954 -30.51 0.70 -11.86
C ASP A 954 -30.46 0.76 -13.38
N VAL A 955 -29.30 1.17 -13.92
CA VAL A 955 -29.13 1.15 -15.35
C VAL A 955 -28.95 -0.29 -15.86
N TYR A 956 -28.37 -1.15 -15.02
CA TYR A 956 -28.05 -2.51 -15.44
C TYR A 956 -29.30 -3.34 -15.60
N SER A 957 -30.26 -3.19 -14.68
CA SER A 957 -31.54 -3.88 -14.83
C SER A 957 -32.36 -3.34 -15.98
N GLY A 958 -32.16 -2.08 -16.36
CA GLY A 958 -32.81 -1.53 -17.53
C GLY A 958 -32.29 -2.13 -18.80
N VAL A 959 -30.96 -2.13 -18.95
CA VAL A 959 -30.36 -2.65 -20.18
C VAL A 959 -30.47 -4.17 -20.26
N ALA A 960 -30.60 -4.85 -19.11
CA ALA A 960 -30.79 -6.30 -19.12
C ALA A 960 -32.14 -6.67 -19.73
N ALA A 961 -33.20 -5.97 -19.33
CA ALA A 961 -34.50 -6.19 -19.96
C ALA A 961 -34.50 -5.71 -21.40
N GLN A 962 -33.76 -4.63 -21.68
CA GLN A 962 -33.75 -4.07 -23.02
C GLN A 962 -32.96 -4.95 -24.00
N VAL A 963 -32.09 -5.83 -23.52
CA VAL A 963 -31.47 -6.82 -24.40
C VAL A 963 -32.24 -8.14 -24.34
N GLU A 964 -32.98 -8.39 -23.26
CA GLU A 964 -33.79 -9.60 -23.16
C GLU A 964 -34.96 -9.57 -24.15
N VAL A 965 -35.52 -8.38 -24.41
CA VAL A 965 -36.60 -8.29 -25.40
C VAL A 965 -36.09 -8.66 -26.78
N PHE A 966 -34.85 -8.29 -27.11
CA PHE A 966 -34.27 -8.73 -28.38
C PHE A 966 -33.83 -10.18 -28.34
N ARG A 967 -33.50 -10.70 -27.16
CA ARG A 967 -33.24 -12.13 -27.05
C ARG A 967 -34.46 -12.95 -27.36
N ARG A 968 -35.64 -12.49 -26.96
CA ARG A 968 -36.89 -13.14 -27.36
C ARG A 968 -37.19 -12.91 -28.84
N GLN A 969 -36.96 -11.69 -29.33
CA GLN A 969 -37.29 -11.34 -30.72
C GLN A 969 -36.41 -12.09 -31.71
N ASP A 970 -35.18 -12.42 -31.33
CA ASP A 970 -34.32 -13.21 -32.20
C ASP A 970 -34.49 -14.71 -31.97
N ALA A 971 -34.98 -15.11 -30.79
CA ALA A 971 -35.28 -16.52 -30.58
C ALA A 971 -36.50 -16.96 -31.36
N GLN A 972 -37.46 -16.05 -31.55
CA GLN A 972 -38.62 -16.41 -32.37
C GLN A 972 -38.28 -16.44 -33.87
N ARG A 973 -37.11 -15.94 -34.26
CA ARG A 973 -36.60 -16.14 -35.61
C ARG A 973 -35.76 -17.40 -35.75
N GLY A 974 -35.75 -18.26 -34.74
CA GLY A 974 -35.03 -19.52 -34.80
C GLY A 974 -33.51 -19.40 -34.80
N MET A 975 -32.98 -18.55 -33.93
CA MET A 975 -31.53 -18.45 -33.74
C MET A 975 -31.14 -19.26 -32.50
N ARG A 976 -30.18 -20.16 -32.66
CA ARG A 976 -29.82 -21.09 -31.60
C ARG A 976 -29.16 -20.39 -30.42
N VAL A 977 -28.35 -19.36 -30.70
CA VAL A 977 -27.66 -18.63 -29.64
C VAL A 977 -28.65 -17.89 -28.76
N ALA A 978 -29.73 -17.38 -29.35
CA ALA A 978 -30.78 -16.76 -28.55
C ALA A 978 -31.59 -17.81 -27.82
N GLN A 979 -31.71 -19.02 -28.37
CA GLN A 979 -32.51 -20.06 -27.74
C GLN A 979 -31.81 -20.63 -26.51
N VAL A 980 -30.48 -20.69 -26.53
CA VAL A 980 -29.75 -21.27 -25.40
C VAL A 980 -29.45 -20.26 -24.30
N LEU A 981 -29.86 -18.99 -24.46
CA LEU A 981 -29.68 -17.99 -23.42
C LEU A 981 -30.96 -17.68 -22.65
N GLU A 982 -31.97 -18.55 -22.71
CA GLU A 982 -33.20 -18.30 -21.95
C GLU A 982 -32.94 -18.47 -20.46
N GLY A 983 -33.35 -17.48 -19.69
CA GLY A 983 -33.08 -17.48 -18.26
C GLY A 983 -31.64 -17.19 -17.90
N PHE A 984 -30.83 -16.72 -18.84
CA PHE A 984 -29.42 -16.45 -18.60
C PHE A 984 -29.03 -15.00 -18.84
N ILE A 985 -29.96 -14.15 -19.28
CA ILE A 985 -29.70 -12.73 -19.41
C ILE A 985 -30.03 -12.09 -18.06
N THR A 986 -29.00 -11.82 -17.27
CA THR A 986 -29.17 -11.28 -15.93
C THR A 986 -28.41 -9.97 -15.80
N ARG A 987 -28.53 -9.38 -14.61
CA ARG A 987 -27.77 -8.18 -14.30
C ARG A 987 -26.27 -8.47 -14.24
N LYS A 988 -25.91 -9.68 -13.84
CA LYS A 988 -24.50 -10.00 -13.57
C LYS A 988 -23.70 -10.19 -14.85
N VAL A 989 -24.36 -10.54 -15.96
CA VAL A 989 -23.61 -10.80 -17.19
C VAL A 989 -23.41 -9.53 -18.01
N VAL A 990 -24.26 -8.52 -17.85
CA VAL A 990 -24.13 -7.27 -18.58
C VAL A 990 -23.69 -6.14 -17.67
N LYS A 991 -23.51 -6.43 -16.38
CA LYS A 991 -23.15 -5.45 -15.36
C LYS A 991 -21.82 -4.78 -15.68
N GLN A 992 -20.79 -5.59 -15.94
CA GLN A 992 -19.46 -5.05 -16.23
C GLN A 992 -19.44 -4.25 -17.52
N THR A 993 -20.12 -4.75 -18.56
CA THR A 993 -20.10 -4.07 -19.85
C THR A 993 -20.76 -2.70 -19.78
N VAL A 994 -21.93 -2.60 -19.13
CA VAL A 994 -22.60 -1.31 -19.05
C VAL A 994 -21.95 -0.43 -17.99
N MET A 995 -21.23 -1.03 -17.05
CA MET A 995 -20.36 -0.26 -16.16
C MET A 995 -19.25 0.40 -16.95
N THR A 996 -18.78 -0.28 -17.99
CA THR A 996 -17.54 0.10 -18.64
C THR A 996 -17.77 0.96 -19.90
N VAL A 997 -19.00 0.98 -20.43
CA VAL A 997 -19.36 1.85 -21.57
C VAL A 997 -18.98 3.31 -21.32
N VAL A 998 -19.09 3.78 -20.08
CA VAL A 998 -18.73 5.16 -19.76
C VAL A 998 -17.23 5.39 -19.81
N TYR A 999 -16.44 4.33 -19.87
CA TYR A 999 -15.00 4.41 -20.11
C TYR A 999 -14.69 3.95 -21.52
N GLY A 1000 -13.45 4.16 -21.95
CA GLY A 1000 -13.09 3.91 -23.34
C GLY A 1000 -12.97 2.45 -23.68
N VAL A 1001 -14.08 1.73 -23.66
CA VAL A 1001 -14.10 0.29 -23.81
C VAL A 1001 -14.21 -0.07 -25.29
N THR A 1002 -13.53 -1.15 -25.67
CA THR A 1002 -13.71 -1.76 -26.97
C THR A 1002 -14.61 -2.99 -26.84
N ARG A 1003 -15.12 -3.46 -27.98
CA ARG A 1003 -16.04 -4.59 -27.97
C ARG A 1003 -15.36 -5.91 -27.58
N TYR A 1004 -14.05 -6.02 -27.80
CA TYR A 1004 -13.32 -7.23 -27.40
C TYR A 1004 -13.25 -7.35 -25.89
N GLY A 1005 -13.02 -6.24 -25.20
CA GLY A 1005 -13.00 -6.25 -23.75
C GLY A 1005 -14.35 -6.59 -23.15
N GLY A 1006 -15.42 -6.04 -23.72
CA GLY A 1006 -16.76 -6.43 -23.30
C GLY A 1006 -17.05 -7.89 -23.58
N ARG A 1007 -16.50 -8.41 -24.69
CA ARG A 1007 -16.68 -9.82 -25.02
C ARG A 1007 -16.04 -10.71 -23.96
N LEU A 1008 -14.80 -10.41 -23.58
CA LEU A 1008 -14.15 -11.16 -22.52
C LEU A 1008 -14.87 -10.98 -21.18
N GLN A 1009 -15.41 -9.78 -20.96
CA GLN A 1009 -16.14 -9.46 -19.75
C GLN A 1009 -17.37 -10.35 -19.57
N ILE A 1010 -18.15 -10.53 -20.64
CA ILE A 1010 -19.30 -11.42 -20.55
C ILE A 1010 -18.85 -12.88 -20.67
N GLU A 1011 -17.69 -13.11 -21.29
CA GLU A 1011 -17.23 -14.48 -21.52
C GLU A 1011 -16.84 -15.16 -20.22
N LYS A 1012 -16.15 -14.45 -19.32
CA LYS A 1012 -15.78 -15.03 -18.04
C LYS A 1012 -17.02 -15.41 -17.22
N ARG A 1013 -18.01 -14.53 -17.23
CA ARG A 1013 -19.25 -14.75 -16.51
C ARG A 1013 -20.03 -15.92 -17.10
N LEU A 1014 -19.95 -16.10 -18.42
CA LEU A 1014 -20.57 -17.27 -19.02
C LEU A 1014 -19.76 -18.55 -18.78
N ARG A 1015 -18.45 -18.43 -18.56
CA ARG A 1015 -17.66 -19.61 -18.17
C ARG A 1015 -18.03 -20.07 -16.77
N GLU A 1016 -18.25 -19.14 -15.84
CA GLU A 1016 -18.62 -19.56 -14.50
C GLU A 1016 -20.07 -20.01 -14.39
N LEU A 1017 -20.87 -19.83 -15.44
CA LEU A 1017 -22.26 -20.32 -15.47
C LEU A 1017 -22.24 -21.82 -15.75
N SER A 1018 -22.55 -22.61 -14.71
CA SER A 1018 -22.57 -24.06 -14.86
C SER A 1018 -23.82 -24.54 -15.57
N ASP A 1019 -24.96 -23.85 -15.36
CA ASP A 1019 -26.20 -24.25 -16.01
C ASP A 1019 -26.16 -23.96 -17.51
N PHE A 1020 -25.40 -22.95 -17.90
CA PHE A 1020 -25.21 -22.66 -19.31
C PHE A 1020 -24.39 -23.78 -19.97
N PRO A 1021 -24.80 -24.28 -21.13
CA PRO A 1021 -23.93 -25.17 -21.89
C PRO A 1021 -22.65 -24.45 -22.32
N GLN A 1022 -21.53 -25.15 -22.17
CA GLN A 1022 -20.23 -24.52 -22.37
C GLN A 1022 -19.77 -24.52 -23.82
N GLU A 1023 -20.57 -25.05 -24.74
CA GLU A 1023 -20.13 -25.15 -26.13
C GLU A 1023 -20.17 -23.79 -26.83
N PHE A 1024 -21.19 -22.98 -26.55
CA PHE A 1024 -21.46 -21.77 -27.30
C PHE A 1024 -21.00 -20.52 -26.57
N VAL A 1025 -20.18 -20.68 -25.51
CA VAL A 1025 -19.78 -19.59 -24.62
C VAL A 1025 -19.06 -18.50 -25.39
N TRP A 1026 -18.22 -18.91 -26.36
CA TRP A 1026 -17.63 -17.95 -27.29
C TRP A 1026 -18.70 -17.21 -28.09
N GLU A 1027 -19.57 -17.98 -28.77
CA GLU A 1027 -20.53 -17.40 -29.71
C GLU A 1027 -21.51 -16.48 -29.01
N ALA A 1028 -22.06 -16.94 -27.89
CA ALA A 1028 -23.00 -16.12 -27.12
C ALA A 1028 -22.36 -14.82 -26.65
N SER A 1029 -21.04 -14.84 -26.39
CA SER A 1029 -20.35 -13.64 -25.97
C SER A 1029 -20.42 -12.56 -27.04
N HIS A 1030 -20.23 -12.96 -28.32
CA HIS A 1030 -20.40 -12.02 -29.41
C HIS A 1030 -21.84 -11.53 -29.46
N TYR A 1031 -22.80 -12.44 -29.27
CA TYR A 1031 -24.20 -12.06 -29.31
C TYR A 1031 -24.56 -11.18 -28.11
N LEU A 1032 -23.72 -11.18 -27.07
CA LEU A 1032 -23.99 -10.30 -25.94
C LEU A 1032 -23.17 -9.03 -25.97
N VAL A 1033 -22.28 -8.85 -26.95
CA VAL A 1033 -21.76 -7.49 -27.14
C VAL A 1033 -22.46 -6.84 -28.31
N ARG A 1034 -23.02 -7.65 -29.20
CA ARG A 1034 -24.12 -7.19 -30.02
C ARG A 1034 -25.37 -7.12 -29.16
N GLN A 1035 -26.37 -6.40 -29.66
CA GLN A 1035 -27.67 -6.13 -29.03
C GLN A 1035 -27.54 -5.30 -27.74
N VAL A 1036 -26.33 -4.82 -27.41
CA VAL A 1036 -26.09 -3.97 -26.25
C VAL A 1036 -25.63 -2.66 -26.90
N PHE A 1037 -26.14 -2.41 -28.10
CA PHE A 1037 -26.08 -1.08 -28.68
C PHE A 1037 -27.20 -0.18 -28.17
N LYS A 1038 -27.94 -0.65 -27.16
CA LYS A 1038 -29.04 0.10 -26.59
C LYS A 1038 -28.55 1.34 -25.84
N SER A 1039 -27.27 1.35 -25.46
CA SER A 1039 -26.67 2.55 -24.88
C SER A 1039 -26.48 3.65 -25.93
N LEU A 1040 -26.59 3.31 -27.22
CA LEU A 1040 -26.35 4.29 -28.26
C LEU A 1040 -27.51 5.27 -28.39
N GLN A 1041 -28.74 4.81 -28.20
CA GLN A 1041 -29.93 5.62 -28.47
C GLN A 1041 -30.10 6.65 -27.36
N GLU A 1042 -29.37 7.77 -27.53
CA GLU A 1042 -29.29 8.95 -26.66
C GLU A 1042 -29.22 8.61 -25.18
N MET A 1043 -28.52 7.53 -24.83
CA MET A 1043 -28.40 7.07 -23.47
C MET A 1043 -27.03 7.46 -22.95
N PHE A 1044 -27.01 8.14 -21.79
CA PHE A 1044 -25.80 8.75 -21.21
C PHE A 1044 -25.15 9.73 -22.18
N SER A 1045 -25.89 10.80 -22.51
CA SER A 1045 -25.45 11.69 -23.58
C SER A 1045 -24.36 12.64 -23.09
N GLY A 1046 -24.62 13.37 -22.00
CA GLY A 1046 -23.61 14.27 -21.46
C GLY A 1046 -22.46 13.52 -20.85
N THR A 1047 -22.72 12.32 -20.32
CA THR A 1047 -21.67 11.37 -19.99
C THR A 1047 -20.73 11.12 -21.17
N ARG A 1048 -21.29 10.88 -22.36
CA ARG A 1048 -20.46 10.62 -23.52
C ARG A 1048 -19.75 11.88 -23.99
N ALA A 1049 -20.36 13.06 -23.82
CA ALA A 1049 -19.68 14.30 -24.15
C ALA A 1049 -18.47 14.54 -23.24
N ILE A 1050 -18.65 14.31 -21.93
CA ILE A 1050 -17.56 14.44 -20.97
C ILE A 1050 -16.46 13.44 -21.27
N GLN A 1051 -16.84 12.19 -21.53
CA GLN A 1051 -15.91 11.15 -21.93
C GLN A 1051 -15.12 11.51 -23.17
N HIS A 1052 -15.80 12.03 -24.19
CA HIS A 1052 -15.14 12.40 -25.42
C HIS A 1052 -14.15 13.53 -25.20
N TRP A 1053 -14.50 14.50 -24.36
CA TRP A 1053 -13.57 15.61 -24.12
C TRP A 1053 -12.37 15.18 -23.28
N LEU A 1054 -12.56 14.31 -22.27
CA LEU A 1054 -11.41 13.78 -21.52
C LEU A 1054 -10.51 12.93 -22.41
N THR A 1055 -11.10 12.08 -23.25
CA THR A 1055 -10.36 11.25 -24.18
C THR A 1055 -9.56 12.10 -25.16
N GLU A 1056 -10.19 13.14 -25.71
CA GLU A 1056 -9.52 13.99 -26.68
C GLU A 1056 -8.41 14.80 -26.03
N SER A 1057 -8.64 15.24 -24.79
CA SER A 1057 -7.64 15.98 -24.04
C SER A 1057 -6.42 15.11 -23.77
N ALA A 1058 -6.63 13.87 -23.32
CA ALA A 1058 -5.51 12.95 -23.08
C ALA A 1058 -4.76 12.66 -24.36
N ARG A 1059 -5.48 12.46 -25.46
CA ARG A 1059 -4.85 12.17 -26.74
C ARG A 1059 -3.97 13.34 -27.20
N LEU A 1060 -4.48 14.57 -27.08
CA LEU A 1060 -3.71 15.72 -27.54
C LEU A 1060 -2.56 16.07 -26.61
N ILE A 1061 -2.74 15.88 -25.29
CA ILE A 1061 -1.64 16.09 -24.35
C ILE A 1061 -0.51 15.10 -24.64
N SER A 1062 -0.86 13.85 -24.92
CA SER A 1062 0.16 12.85 -25.17
C SER A 1062 0.81 13.04 -26.53
N HIS A 1063 0.03 13.45 -27.54
CA HIS A 1063 0.63 13.76 -28.84
C HIS A 1063 1.46 15.05 -28.82
N MET A 1064 1.26 15.93 -27.85
CA MET A 1064 2.19 17.04 -27.63
C MET A 1064 3.52 16.55 -27.06
N GLY A 1065 3.53 15.38 -26.44
CA GLY A 1065 4.73 14.80 -25.86
C GLY A 1065 4.74 14.73 -24.35
N SER A 1066 3.67 15.14 -23.70
CA SER A 1066 3.64 15.28 -22.25
C SER A 1066 2.69 14.26 -21.65
N VAL A 1067 2.89 14.00 -20.39
CA VAL A 1067 2.09 13.04 -19.64
C VAL A 1067 0.93 13.78 -18.98
N VAL A 1068 -0.21 13.10 -18.85
CA VAL A 1068 -1.41 13.73 -18.31
C VAL A 1068 -1.29 13.85 -16.79
N GLU A 1069 -1.29 15.07 -16.30
CA GLU A 1069 -1.24 15.38 -14.89
C GLU A 1069 -2.43 16.26 -14.55
N TRP A 1070 -2.94 16.11 -13.33
CA TRP A 1070 -3.96 17.04 -12.85
C TRP A 1070 -3.94 17.08 -11.34
N VAL A 1071 -4.45 18.17 -10.80
CA VAL A 1071 -4.56 18.36 -9.36
C VAL A 1071 -6.02 18.17 -8.96
N THR A 1072 -6.26 17.32 -7.97
CA THR A 1072 -7.59 17.05 -7.47
C THR A 1072 -8.16 18.28 -6.78
N PRO A 1073 -9.49 18.34 -6.61
CA PRO A 1073 -10.07 19.46 -5.84
C PRO A 1073 -9.60 19.54 -4.38
N LEU A 1074 -9.14 18.43 -3.81
CA LEU A 1074 -8.53 18.49 -2.49
C LEU A 1074 -7.04 18.78 -2.54
N GLY A 1075 -6.46 18.91 -3.73
CA GLY A 1075 -5.10 19.38 -3.88
C GLY A 1075 -4.05 18.32 -4.19
N VAL A 1076 -4.44 17.08 -4.37
CA VAL A 1076 -3.47 16.00 -4.58
C VAL A 1076 -3.05 16.00 -6.04
N PRO A 1077 -1.75 16.11 -6.35
CA PRO A 1077 -1.31 15.99 -7.74
C PRO A 1077 -1.28 14.53 -8.18
N VAL A 1078 -1.77 14.29 -9.40
CA VAL A 1078 -1.90 12.96 -9.97
C VAL A 1078 -1.22 12.96 -11.33
N ILE A 1079 -0.35 11.97 -11.55
CA ILE A 1079 0.37 11.77 -12.80
C ILE A 1079 0.20 10.31 -13.19
N GLN A 1080 0.29 10.04 -14.49
CA GLN A 1080 0.08 8.69 -15.02
C GLN A 1080 1.42 8.05 -15.38
N PRO A 1081 1.80 6.92 -14.77
CA PRO A 1081 3.13 6.34 -14.99
C PRO A 1081 3.21 5.35 -16.14
N TYR A 1082 2.67 5.72 -17.30
CA TYR A 1082 2.47 4.69 -18.32
C TYR A 1082 3.75 4.45 -19.11
N ARG A 1083 4.17 5.42 -19.91
CA ARG A 1083 5.50 5.52 -20.52
C ARG A 1083 6.04 4.25 -21.16
N LEU A 1084 5.43 3.82 -22.27
CA LEU A 1084 5.74 2.54 -22.90
C LEU A 1084 6.73 2.77 -24.05
N ASP A 1085 7.68 3.68 -23.86
CA ASP A 1085 8.80 3.83 -24.79
C ASP A 1085 9.65 2.57 -24.88
N SER A 1086 9.97 1.95 -23.74
CA SER A 1086 10.76 0.74 -23.74
C SER A 1086 10.07 -0.31 -22.86
N SER A 1107 11.35 4.35 -21.46
CA SER A 1107 10.33 5.08 -20.72
C SER A 1107 10.57 6.58 -20.79
N ARG A 1108 10.50 7.14 -22.00
CA ARG A 1108 10.75 8.55 -22.22
C ARG A 1108 9.71 9.21 -23.12
N LYS A 1109 8.73 8.46 -23.61
CA LYS A 1109 7.58 9.02 -24.30
C LYS A 1109 6.33 8.51 -23.62
N PRO A 1110 5.24 9.27 -23.64
CA PRO A 1110 3.98 8.74 -23.11
C PRO A 1110 3.26 7.88 -24.13
N ASN A 1111 2.71 6.75 -23.68
CA ASN A 1111 1.95 5.86 -24.56
C ASN A 1111 0.54 6.41 -24.69
N THR A 1112 0.24 7.00 -25.85
CA THR A 1112 -0.98 7.78 -26.03
C THR A 1112 -2.22 6.90 -25.94
N ARG A 1113 -2.13 5.65 -26.41
CA ARG A 1113 -3.23 4.70 -26.26
C ARG A 1113 -3.54 4.44 -24.79
N LYS A 1114 -2.50 4.19 -24.00
CA LYS A 1114 -2.67 3.89 -22.59
C LYS A 1114 -3.13 5.13 -21.83
N GLN A 1115 -2.56 6.30 -22.15
CA GLN A 1115 -2.96 7.55 -21.52
C GLN A 1115 -4.42 7.88 -21.81
N LYS A 1116 -4.82 7.70 -23.08
CA LYS A 1116 -6.18 7.98 -23.53
C LYS A 1116 -7.19 7.05 -22.88
N ASN A 1117 -6.89 5.75 -22.84
CA ASN A 1117 -7.81 4.81 -22.23
C ASN A 1117 -7.78 4.92 -20.70
N GLY A 1118 -6.75 5.54 -20.14
CA GLY A 1118 -6.65 5.62 -18.71
C GLY A 1118 -7.25 6.88 -18.10
N PHE A 1119 -7.30 7.98 -18.88
CA PHE A 1119 -7.70 9.26 -18.30
C PHE A 1119 -9.13 9.28 -17.74
N PRO A 1120 -10.18 8.82 -18.42
CA PRO A 1120 -11.53 8.90 -17.81
C PRO A 1120 -11.69 8.06 -16.54
N PRO A 1121 -11.22 6.78 -16.49
CA PRO A 1121 -11.31 6.09 -15.20
C PRO A 1121 -10.46 6.70 -14.12
N ASN A 1122 -9.23 7.16 -14.45
CA ASN A 1122 -8.36 7.73 -13.43
C ASN A 1122 -8.92 9.03 -12.89
N PHE A 1123 -9.55 9.83 -13.74
CA PHE A 1123 -10.14 11.09 -13.30
C PHE A 1123 -11.38 10.85 -12.44
N ILE A 1124 -12.23 9.89 -12.81
CA ILE A 1124 -13.40 9.59 -12.00
C ILE A 1124 -12.98 8.97 -10.66
N HIS A 1125 -11.92 8.17 -10.67
CA HIS A 1125 -11.41 7.59 -9.43
C HIS A 1125 -10.80 8.67 -8.55
N SER A 1126 -10.19 9.68 -9.16
CA SER A 1126 -9.72 10.84 -8.40
C SER A 1126 -10.89 11.57 -7.74
N LEU A 1127 -11.98 11.77 -8.47
CA LEU A 1127 -13.14 12.45 -7.88
C LEU A 1127 -13.78 11.65 -6.76
N ASP A 1128 -13.97 10.34 -6.93
CA ASP A 1128 -14.66 9.63 -5.86
C ASP A 1128 -13.72 9.34 -4.70
N SER A 1129 -12.40 9.34 -4.93
CA SER A 1129 -11.45 9.34 -3.83
C SER A 1129 -11.49 10.66 -3.06
N SER A 1130 -11.60 11.78 -3.76
CA SER A 1130 -11.72 13.07 -3.09
C SER A 1130 -13.02 13.17 -2.30
N HIS A 1131 -14.10 12.63 -2.86
CA HIS A 1131 -15.38 12.57 -2.16
C HIS A 1131 -15.28 11.70 -0.92
N MET A 1132 -14.59 10.56 -1.03
CA MET A 1132 -14.35 9.70 0.12
C MET A 1132 -13.54 10.40 1.20
N MET A 1133 -12.52 11.17 0.79
CA MET A 1133 -11.69 11.87 1.78
C MET A 1133 -12.45 12.99 2.46
N LEU A 1134 -13.26 13.75 1.71
CA LEU A 1134 -14.09 14.77 2.35
C LEU A 1134 -15.11 14.17 3.30
N THR A 1135 -15.72 13.04 2.90
CA THR A 1135 -16.67 12.37 3.77
C THR A 1135 -15.98 11.84 5.02
N ALA A 1136 -14.77 11.29 4.87
CA ALA A 1136 -14.00 10.81 6.00
C ALA A 1136 -13.67 11.93 6.98
N LEU A 1137 -13.27 13.09 6.45
CA LEU A 1137 -12.87 14.19 7.32
C LEU A 1137 -14.07 14.80 8.06
N HIS A 1138 -15.18 15.00 7.36
CA HIS A 1138 -16.33 15.59 8.03
C HIS A 1138 -17.11 14.59 8.87
N CYS A 1139 -16.87 13.30 8.69
CA CYS A 1139 -17.35 12.32 9.68
C CYS A 1139 -16.43 12.26 10.88
N TYR A 1140 -15.14 12.49 10.68
CA TYR A 1140 -14.19 12.55 11.80
C TYR A 1140 -14.51 13.72 12.72
N ARG A 1141 -14.93 14.85 12.14
CA ARG A 1141 -15.35 15.98 12.97
C ARG A 1141 -16.59 15.69 13.79
N LYS A 1142 -17.38 14.68 13.42
CA LYS A 1142 -18.58 14.30 14.15
C LYS A 1142 -18.41 12.99 14.93
N GLY A 1143 -17.19 12.50 15.07
CA GLY A 1143 -16.91 11.29 15.83
C GLY A 1143 -17.40 10.00 15.21
N LEU A 1144 -17.15 9.82 13.92
CA LEU A 1144 -17.55 8.62 13.20
C LEU A 1144 -16.32 7.81 12.81
N THR A 1145 -16.37 6.51 13.06
CA THR A 1145 -15.36 5.58 12.57
C THR A 1145 -15.73 5.17 11.16
N PHE A 1146 -14.89 5.55 10.20
CA PHE A 1146 -15.20 5.44 8.79
C PHE A 1146 -14.06 4.69 8.11
N VAL A 1147 -14.38 3.64 7.35
CA VAL A 1147 -13.45 3.09 6.39
C VAL A 1147 -14.17 3.00 5.05
N SER A 1148 -13.45 2.61 4.01
CA SER A 1148 -14.02 2.66 2.66
C SER A 1148 -13.32 1.68 1.73
N VAL A 1149 -14.10 0.80 1.11
CA VAL A 1149 -13.64 0.06 -0.05
C VAL A 1149 -14.17 0.78 -1.30
N HIS A 1150 -13.46 1.81 -1.73
CA HIS A 1150 -13.48 2.40 -3.09
C HIS A 1150 -14.87 2.65 -3.68
N ASP A 1151 -15.64 3.52 -3.01
CA ASP A 1151 -17.06 3.93 -3.03
C ASP A 1151 -17.97 3.18 -2.07
N CYS A 1152 -17.45 2.20 -1.35
CA CYS A 1152 -18.25 1.47 -0.37
C CYS A 1152 -17.84 1.99 1.00
N TYR A 1153 -18.66 2.87 1.55
CA TYR A 1153 -18.36 3.55 2.81
C TYR A 1153 -18.89 2.68 3.94
N TRP A 1154 -18.03 2.36 4.90
CA TRP A 1154 -18.39 1.43 5.95
C TRP A 1154 -18.31 2.18 7.27
N THR A 1155 -19.35 2.04 8.09
CA THR A 1155 -19.30 2.58 9.43
C THR A 1155 -20.22 1.77 10.32
N HIS A 1156 -20.25 2.14 11.60
CA HIS A 1156 -21.18 1.54 12.53
C HIS A 1156 -22.62 1.83 12.12
N ALA A 1157 -23.55 0.97 12.56
CA ALA A 1157 -24.95 1.12 12.18
C ALA A 1157 -25.52 2.44 12.67
N ALA A 1158 -25.18 2.83 13.90
CA ALA A 1158 -25.69 4.06 14.50
C ALA A 1158 -25.27 5.31 13.76
N ASP A 1159 -24.27 5.21 12.90
CA ASP A 1159 -23.77 6.35 12.15
C ASP A 1159 -24.23 6.39 10.71
N VAL A 1160 -25.01 5.40 10.25
CA VAL A 1160 -25.31 5.28 8.81
C VAL A 1160 -26.12 6.47 8.31
N SER A 1161 -26.97 7.04 9.16
CA SER A 1161 -27.65 8.28 8.82
C SER A 1161 -26.66 9.42 8.61
N VAL A 1162 -25.77 9.64 9.59
CA VAL A 1162 -24.87 10.78 9.54
C VAL A 1162 -23.89 10.65 8.39
N MET A 1163 -23.34 9.45 8.21
CA MET A 1163 -22.48 9.16 7.06
C MET A 1163 -23.19 9.45 5.76
N ASN A 1164 -24.50 9.19 5.69
CA ASN A 1164 -25.27 9.51 4.51
C ASN A 1164 -25.30 11.01 4.27
N GLN A 1165 -25.57 11.78 5.33
CA GLN A 1165 -25.77 13.21 5.18
C GLN A 1165 -24.49 13.91 4.73
N VAL A 1166 -23.37 13.54 5.34
CA VAL A 1166 -22.07 14.03 4.91
C VAL A 1166 -21.79 13.60 3.48
N CYS A 1167 -22.15 12.35 3.14
CA CYS A 1167 -21.98 11.87 1.77
C CYS A 1167 -22.88 12.64 0.81
N ARG A 1168 -24.00 13.17 1.31
CA ARG A 1168 -24.87 13.95 0.46
C ARG A 1168 -24.55 15.43 0.56
N GLU A 1169 -23.64 15.81 1.46
CA GLU A 1169 -23.19 17.19 1.52
C GLU A 1169 -21.91 17.37 0.73
N GLN A 1170 -20.91 16.52 1.00
CA GLN A 1170 -19.63 16.63 0.32
C GLN A 1170 -19.68 16.16 -1.12
N PHE A 1171 -20.79 15.55 -1.55
CA PHE A 1171 -20.99 15.36 -2.97
C PHE A 1171 -21.45 16.66 -3.61
N VAL A 1172 -22.29 17.43 -2.92
CA VAL A 1172 -22.70 18.74 -3.43
C VAL A 1172 -21.53 19.71 -3.37
N ARG A 1173 -20.85 19.77 -2.23
CA ARG A 1173 -19.78 20.74 -2.02
C ARG A 1173 -18.61 20.50 -2.96
N LEU A 1174 -18.31 19.23 -3.25
CA LEU A 1174 -17.33 18.92 -4.28
C LEU A 1174 -17.83 19.38 -5.64
N HIS A 1175 -19.09 19.09 -5.96
CA HIS A 1175 -19.58 19.31 -7.30
C HIS A 1175 -20.25 20.67 -7.48
N SER A 1176 -20.38 21.44 -6.40
CA SER A 1176 -20.69 22.85 -6.56
C SER A 1176 -19.49 23.61 -7.12
N GLU A 1177 -18.28 23.14 -6.80
CA GLU A 1177 -17.10 23.70 -7.41
C GLU A 1177 -17.05 23.34 -8.89
N PRO A 1178 -16.69 24.27 -9.76
CA PRO A 1178 -16.62 23.95 -11.20
C PRO A 1178 -15.42 23.07 -11.52
N ILE A 1179 -15.57 21.78 -11.24
CA ILE A 1179 -14.50 20.81 -11.42
C ILE A 1179 -14.08 20.75 -12.88
N LEU A 1180 -15.04 20.78 -13.79
CA LEU A 1180 -14.72 20.78 -15.21
C LEU A 1180 -14.00 22.06 -15.61
N GLN A 1181 -14.47 23.21 -15.11
CA GLN A 1181 -13.84 24.48 -15.46
C GLN A 1181 -12.52 24.69 -14.73
N ASP A 1182 -12.42 24.23 -13.47
CA ASP A 1182 -11.14 24.30 -12.78
C ASP A 1182 -10.11 23.41 -13.44
N LEU A 1183 -10.53 22.22 -13.88
CA LEU A 1183 -9.65 21.35 -14.65
C LEU A 1183 -9.24 22.01 -15.96
N SER A 1184 -10.18 22.69 -16.62
CA SER A 1184 -9.88 23.36 -17.88
C SER A 1184 -8.85 24.47 -17.69
N ARG A 1185 -8.99 25.27 -16.64
CA ARG A 1185 -8.02 26.34 -16.43
C ARG A 1185 -6.68 25.83 -15.91
N PHE A 1186 -6.67 24.74 -15.12
CA PHE A 1186 -5.40 24.14 -14.71
C PHE A 1186 -4.65 23.57 -15.91
N LEU A 1187 -5.35 22.88 -16.80
CA LEU A 1187 -4.67 22.29 -17.95
C LEU A 1187 -4.38 23.31 -19.03
N VAL A 1188 -5.04 24.48 -19.00
CA VAL A 1188 -4.62 25.49 -19.98
C VAL A 1188 -3.45 26.30 -19.42
N LYS A 1189 -3.27 26.35 -18.10
CA LYS A 1189 -2.09 26.99 -17.55
C LYS A 1189 -0.86 26.10 -17.58
N ARG A 1190 -1.01 24.83 -17.17
CA ARG A 1190 0.13 23.93 -17.08
C ARG A 1190 0.58 23.46 -18.47
N PHE A 1191 -0.36 23.08 -19.32
CA PHE A 1191 -0.04 22.37 -20.54
C PHE A 1191 -0.07 23.23 -21.79
N CYS A 1192 -0.62 24.44 -21.72
CA CYS A 1192 -0.82 25.26 -22.91
C CYS A 1192 -0.10 26.61 -22.82
N SER A 1193 1.09 26.63 -22.22
CA SER A 1193 1.88 27.84 -22.08
C SER A 1193 3.31 27.61 -22.56
N GLU A 1194 3.45 27.01 -23.73
CA GLU A 1194 4.80 26.79 -24.26
C GLU A 1194 5.04 27.63 -25.49
N PRO A 1195 6.27 28.08 -25.74
CA PRO A 1195 6.53 28.88 -26.94
C PRO A 1195 6.71 28.07 -28.21
N GLN A 1196 7.15 26.81 -28.09
CA GLN A 1196 7.49 26.04 -29.28
C GLN A 1196 6.26 25.48 -29.98
N LYS A 1197 5.22 25.14 -29.22
CA LYS A 1197 4.08 24.41 -29.75
C LYS A 1197 2.80 25.24 -29.70
N ILE A 1198 2.89 26.49 -30.16
CA ILE A 1198 1.77 27.42 -30.07
C ILE A 1198 0.53 26.91 -30.82
N LEU A 1199 0.75 26.27 -31.97
CA LEU A 1199 -0.38 25.72 -32.72
C LEU A 1199 -0.98 24.51 -32.02
N GLU A 1200 -0.13 23.62 -31.50
CA GLU A 1200 -0.62 22.47 -30.75
C GLU A 1200 -1.30 22.90 -29.46
N ALA A 1201 -0.73 23.91 -28.79
CA ALA A 1201 -1.39 24.50 -27.64
C ALA A 1201 -2.70 25.15 -28.01
N SER A 1202 -2.80 25.70 -29.22
CA SER A 1202 -4.06 26.30 -29.66
C SER A 1202 -5.13 25.24 -29.91
N GLN A 1203 -4.74 24.10 -30.48
CA GLN A 1203 -5.68 23.00 -30.68
C GLN A 1203 -6.16 22.43 -29.35
N LEU A 1204 -5.24 22.17 -28.42
CA LEU A 1204 -5.62 21.71 -27.10
C LEU A 1204 -6.37 22.79 -26.32
N LYS A 1205 -6.09 24.06 -26.60
CA LYS A 1205 -6.82 25.16 -25.97
C LYS A 1205 -8.26 25.20 -26.43
N GLU A 1206 -8.48 24.99 -27.73
CA GLU A 1206 -9.83 24.93 -28.26
C GLU A 1206 -10.56 23.72 -27.70
N THR A 1207 -9.85 22.62 -27.48
CA THR A 1207 -10.49 21.45 -26.88
C THR A 1207 -10.85 21.70 -25.41
N LEU A 1208 -9.91 22.23 -24.63
CA LEU A 1208 -10.12 22.39 -23.19
C LEU A 1208 -11.12 23.50 -22.89
N GLN A 1209 -11.07 24.60 -23.64
CA GLN A 1209 -12.02 25.68 -23.45
C GLN A 1209 -13.40 25.33 -23.96
N ALA A 1210 -13.51 24.31 -24.82
CA ALA A 1210 -14.80 23.72 -25.16
C ALA A 1210 -15.08 22.51 -24.27
N VAL A 1211 -15.09 22.78 -22.98
CA VAL A 1211 -15.74 21.88 -22.03
C VAL A 1211 -17.24 21.85 -22.32
N PRO A 1212 -17.90 20.69 -22.33
CA PRO A 1212 -19.32 20.66 -22.62
C PRO A 1212 -20.14 21.31 -21.51
N LYS A 1213 -21.25 21.90 -21.92
CA LYS A 1213 -22.07 22.72 -21.05
C LYS A 1213 -22.81 21.89 -20.01
N PRO A 1214 -23.01 22.44 -18.81
CA PRO A 1214 -23.80 21.75 -17.80
C PRO A 1214 -25.27 21.68 -18.22
N GLY A 1215 -25.93 20.61 -17.78
CA GLY A 1215 -27.35 20.45 -17.99
C GLY A 1215 -28.15 21.15 -16.92
N ALA A 1216 -29.42 20.80 -16.84
CA ALA A 1216 -30.36 21.43 -15.92
C ALA A 1216 -30.72 20.43 -14.82
N PHE A 1217 -29.88 20.37 -13.79
CA PHE A 1217 -30.19 19.58 -12.60
C PHE A 1217 -29.65 20.30 -11.38
N ASP A 1218 -30.52 20.61 -10.44
CA ASP A 1218 -30.10 21.24 -9.20
C ASP A 1218 -29.48 20.16 -8.31
N LEU A 1219 -28.22 20.34 -7.93
CA LEU A 1219 -27.51 19.32 -7.19
C LEU A 1219 -27.98 19.19 -5.74
N GLU A 1220 -28.66 20.20 -5.22
CA GLU A 1220 -29.18 20.16 -3.86
C GLU A 1220 -30.20 19.04 -3.68
N GLN A 1221 -30.81 18.59 -4.76
CA GLN A 1221 -31.71 17.44 -4.77
C GLN A 1221 -31.02 16.18 -4.25
N VAL A 1222 -29.71 16.07 -4.46
CA VAL A 1222 -28.92 14.94 -3.96
C VAL A 1222 -29.03 14.84 -2.45
N LYS A 1223 -29.21 15.98 -1.76
CA LYS A 1223 -29.42 15.97 -0.32
C LYS A 1223 -30.66 15.17 0.08
N ARG A 1224 -31.70 15.16 -0.75
CA ARG A 1224 -32.89 14.38 -0.46
C ARG A 1224 -32.97 13.10 -1.26
N SER A 1225 -31.90 12.73 -1.95
CA SER A 1225 -31.83 11.46 -2.68
C SER A 1225 -31.60 10.33 -1.68
N THR A 1226 -32.60 9.46 -1.52
CA THR A 1226 -32.49 8.37 -0.57
C THR A 1226 -31.52 7.31 -1.05
N TYR A 1227 -31.54 6.98 -2.34
CA TYR A 1227 -30.81 5.85 -2.89
C TYR A 1227 -29.57 6.28 -3.64
N PHE A 1228 -29.04 7.47 -3.35
CA PHE A 1228 -27.74 7.87 -3.86
C PHE A 1228 -26.65 6.93 -3.36
N PHE A 1229 -26.59 6.72 -2.05
CA PHE A 1229 -25.80 5.66 -1.44
C PHE A 1229 -26.75 4.76 -0.66
N SER A 1230 -26.79 3.49 -1.04
CA SER A 1230 -27.70 2.54 -0.40
C SER A 1230 -27.12 1.14 -0.39
PG ATP E . -23.51 -1.43 -8.19
O1G ATP E . -23.49 -0.57 -6.99
O2G ATP E . -23.15 -2.90 -7.91
O3G ATP E . -24.82 -1.38 -8.97
PB ATP E . -21.43 0.26 -9.51
O1B ATP E . -21.60 0.80 -10.88
O2B ATP E . -21.58 1.25 -8.36
O3B ATP E . -22.41 -0.96 -9.24
PA ATP E . -19.10 -0.87 -8.12
O1A ATP E . -18.53 -2.21 -8.35
O2A ATP E . -19.94 -0.73 -6.85
O3A ATP E . -20.01 -0.42 -9.33
O5' ATP E . -17.99 0.25 -8.12
C5' ATP E . -18.04 1.33 -9.07
C4' ATP E . -16.87 2.27 -8.84
O4' ATP E . -15.65 1.54 -9.05
C3' ATP E . -16.80 3.41 -9.84
O3' ATP E . -15.99 4.47 -9.33
C2' ATP E . -16.16 2.73 -11.04
O2' ATP E . -15.49 3.67 -11.87
C1' ATP E . -15.17 1.78 -10.37
N9 ATP E . -15.05 0.49 -11.04
C8 ATP E . -15.49 -0.72 -10.60
N7 ATP E . -15.24 -1.72 -11.42
C5 ATP E . -14.59 -1.10 -12.48
C6 ATP E . -14.04 -1.60 -13.69
N6 ATP E . -14.09 -2.89 -14.05
N1 ATP E . -13.46 -0.72 -14.52
C2 ATP E . -13.41 0.57 -14.17
N3 ATP E . -13.88 1.15 -13.07
C4 ATP E . -14.45 0.26 -12.25
MG MG F . -21.91 -1.00 -5.90
#